data_9H6M
#
_entry.id   9H6M
#
_cell.length_a   114.699
_cell.length_b   114.699
_cell.length_c   231.427
_cell.angle_alpha   90.000
_cell.angle_beta   90.000
_cell.angle_gamma   120.000
#
_symmetry.space_group_name_H-M   'P 62'
#
loop_
_entity.id
_entity.type
_entity.pdbx_description
1 polymer 'Tryptophan 7-halogenase RebH'
2 non-polymer 'PHOSPHATE ION'
3 non-polymer 6-BROMO-TRYPTOPHAN
4 water water
#
_entity_poly.entity_id   1
_entity_poly.type   'polypeptide(L)'
_entity_poly.pdbx_seq_one_letter_code
;MGSSHHHHHHSSGLVPRGSHMSGKIDKILIVGGGTAGWMAASYLGKALQGTADITLLQAPDIPTLGVGEATIPNLQTAFF
DFLGIPEDEWMRECNASYKVAIKFINWRTAGEGTSEARELDGGPDHFYHSFGLLKYHEQIPLSHYWFDRSYRGKTVEPFD
YACYKEPVILDANRSPRRLDGSKVTNYAWHFDAHLVADFLRRFATEKLGVRHVEDRVEHVQRDANGNIESVRTATGRVFD
ADLFVDCSGFRGLLINKAMEEPFLDMSDHLLNDSAVATQVPHDDDANGVEPFTSAIAMKSGWTWKIPMLGRFGTGYVYSS
RFATEDEAVREFCEMWHLDPETQPLNRIRFRVGRNRRAWVGNCVSIGTSSCFVEPLESTGIYFVYAALYQLVKHFPDKSL
NPVLTARFNREIETMFDDTRDFIQAHFYFSPRTDTPFWRANKELRLADGMQEKIDMYRAGMAINAPASDDAQLYYGNFEE
EFRNFWNNSNYYCVLAGLGLVPDAPSPRLAHMPQATESVDEVFGAVKDRQRNLLETLPSLHEFLRQQHGR
;
_entity_poly.pdbx_strand_id   A,B
#
loop_
_chem_comp.id
_chem_comp.type
_chem_comp.name
_chem_comp.formula
PO4 non-polymer 'PHOSPHATE ION' 'O4 P -3'
#
# COMPACT_ATOMS: atom_id res chain seq x y z
N MET A 21 -34.39 -12.68 4.53
CA MET A 21 -33.10 -12.20 5.05
C MET A 21 -32.36 -11.42 3.96
N SER A 22 -33.05 -10.46 3.35
CA SER A 22 -32.44 -9.56 2.38
C SER A 22 -32.97 -8.15 2.62
N GLY A 23 -32.39 -7.19 1.92
CA GLY A 23 -32.70 -5.80 2.16
C GLY A 23 -31.62 -5.10 2.96
N LYS A 24 -31.64 -3.78 2.94
CA LYS A 24 -30.61 -3.02 3.63
C LYS A 24 -30.82 -3.09 5.14
N ILE A 25 -29.76 -2.75 5.87
CA ILE A 25 -29.84 -2.66 7.32
C ILE A 25 -30.79 -1.53 7.69
N ASP A 26 -31.81 -1.85 8.49
CA ASP A 26 -32.81 -0.88 8.91
C ASP A 26 -32.59 -0.39 10.34
N LYS A 27 -32.25 -1.28 11.26
CA LYS A 27 -32.08 -0.93 12.67
C LYS A 27 -30.69 -1.36 13.13
N ILE A 28 -30.04 -0.47 13.87
CA ILE A 28 -28.71 -0.74 14.44
C ILE A 28 -28.79 -0.47 15.93
N LEU A 29 -28.30 -1.42 16.74
CA LEU A 29 -28.27 -1.27 18.19
C LEU A 29 -26.82 -1.25 18.66
N ILE A 30 -26.46 -0.21 19.40
CA ILE A 30 -25.14 -0.09 20.01
C ILE A 30 -25.28 -0.38 21.49
N VAL A 31 -24.59 -1.41 21.95
CA VAL A 31 -24.60 -1.79 23.37
C VAL A 31 -23.31 -1.28 23.98
N GLY A 32 -23.43 -0.36 24.94
CA GLY A 32 -22.26 0.25 25.54
C GLY A 32 -22.09 1.70 25.15
N GLY A 33 -21.76 2.57 26.11
CA GLY A 33 -21.60 3.96 25.80
C GLY A 33 -20.16 4.38 25.96
N GLY A 34 -19.94 5.53 26.60
CA GLY A 34 -18.57 5.96 26.80
C GLY A 34 -17.97 6.50 25.52
N THR A 35 -16.65 6.32 25.38
CA THR A 35 -15.95 6.85 24.23
C THR A 35 -16.23 6.03 22.97
N ALA A 36 -16.10 4.70 23.06
CA ALA A 36 -16.32 3.85 21.89
C ALA A 36 -17.78 3.88 21.45
N GLY A 37 -18.71 3.82 22.40
CA GLY A 37 -20.12 3.79 22.04
C GLY A 37 -20.56 5.03 21.29
N TRP A 38 -20.20 6.21 21.80
CA TRP A 38 -20.64 7.46 21.19
C TRP A 38 -19.79 7.85 19.99
N MET A 39 -18.59 7.28 19.85
CA MET A 39 -17.87 7.45 18.60
C MET A 39 -18.52 6.62 17.49
N ALA A 40 -19.00 5.43 17.82
CA ALA A 40 -19.74 4.62 16.85
C ALA A 40 -21.06 5.26 16.48
N ALA A 41 -21.79 5.79 17.48
CA ALA A 41 -23.08 6.42 17.21
C ALA A 41 -22.92 7.65 16.32
N SER A 42 -21.85 8.42 16.54
CA SER A 42 -21.63 9.62 15.74
C SER A 42 -21.20 9.25 14.32
N TYR A 43 -20.27 8.30 14.19
CA TYR A 43 -19.76 7.93 12.87
C TYR A 43 -20.85 7.25 12.04
N LEU A 44 -21.50 6.24 12.60
CA LEU A 44 -22.56 5.54 11.87
C LEU A 44 -23.76 6.45 11.63
N GLY A 45 -24.09 7.31 12.59
CA GLY A 45 -25.19 8.24 12.39
C GLY A 45 -24.92 9.20 11.24
N LYS A 46 -23.67 9.63 11.08
CA LYS A 46 -23.34 10.55 10.00
C LYS A 46 -23.29 9.82 8.66
N ALA A 47 -22.65 8.65 8.63
CA ALA A 47 -22.47 7.93 7.38
C ALA A 47 -23.80 7.44 6.82
N LEU A 48 -24.69 6.96 7.68
CA LEU A 48 -25.97 6.39 7.28
C LEU A 48 -27.13 7.31 7.65
N GLN A 49 -26.93 8.62 7.51
N GLN A 49 -26.92 8.62 7.52
CA GLN A 49 -27.91 9.59 7.95
CA GLN A 49 -27.93 9.58 7.96
C GLN A 49 -29.19 9.48 7.12
C GLN A 49 -29.19 9.46 7.12
N GLY A 50 -30.32 9.29 7.80
CA GLY A 50 -31.61 9.17 7.14
C GLY A 50 -31.91 7.81 6.54
N THR A 51 -31.01 6.83 6.70
CA THR A 51 -31.21 5.52 6.12
C THR A 51 -31.08 4.38 7.15
N ALA A 52 -30.99 4.71 8.44
CA ALA A 52 -30.89 3.69 9.47
C ALA A 52 -31.25 4.30 10.82
N ASP A 53 -32.03 3.55 11.60
CA ASP A 53 -32.37 3.96 12.95
C ASP A 53 -31.35 3.37 13.92
N ILE A 54 -30.68 4.25 14.67
CA ILE A 54 -29.61 3.86 15.58
C ILE A 54 -30.07 4.12 17.01
N THR A 55 -29.93 3.10 17.86
CA THR A 55 -30.25 3.20 19.28
C THR A 55 -29.05 2.73 20.08
N LEU A 56 -28.69 3.49 21.11
CA LEU A 56 -27.54 3.19 21.95
C LEU A 56 -28.04 2.79 23.34
N LEU A 57 -27.65 1.60 23.78
CA LEU A 57 -27.98 1.11 25.11
C LEU A 57 -26.83 1.44 26.05
N GLN A 58 -27.12 2.18 27.13
CA GLN A 58 -26.09 2.62 28.06
C GLN A 58 -26.61 2.46 29.48
N ALA A 59 -25.83 1.76 30.31
CA ALA A 59 -26.17 1.63 31.71
C ALA A 59 -25.25 2.49 32.57
N PRO A 60 -25.77 3.14 33.60
CA PRO A 60 -24.92 3.97 34.47
C PRO A 60 -23.90 3.12 35.21
N ASP A 61 -22.63 3.46 35.01
CA ASP A 61 -21.51 2.80 35.70
C ASP A 61 -20.91 3.76 36.71
N ILE A 62 -20.07 3.22 37.59
CA ILE A 62 -19.35 4.05 38.55
C ILE A 62 -18.32 4.88 37.77
N PRO A 63 -18.45 6.21 37.78
CA PRO A 63 -17.53 7.03 37.00
C PRO A 63 -16.11 6.97 37.53
N THR A 64 -15.16 7.27 36.66
CA THR A 64 -13.75 7.23 36.98
C THR A 64 -13.12 8.60 36.75
N LEU A 65 -11.90 8.76 37.24
CA LEU A 65 -11.16 10.01 37.05
C LEU A 65 -10.74 10.18 35.61
N GLY A 66 -10.56 11.43 35.20
CA GLY A 66 -10.04 11.73 33.89
C GLY A 66 -8.54 11.65 33.84
N VAL A 67 -8.01 10.47 33.50
CA VAL A 67 -6.57 10.24 33.51
C VAL A 67 -5.89 10.64 32.22
N GLY A 68 -6.63 11.16 31.25
CA GLY A 68 -6.01 11.72 30.06
C GLY A 68 -5.97 10.73 28.91
N GLU A 69 -6.08 11.27 27.69
CA GLU A 69 -5.98 10.51 26.46
C GLU A 69 -5.08 11.24 25.48
N ALA A 70 -4.22 10.49 24.80
CA ALA A 70 -3.38 11.01 23.74
C ALA A 70 -3.86 10.50 22.40
N THR A 71 -3.66 11.30 21.35
CA THR A 71 -4.19 10.95 20.04
C THR A 71 -3.15 11.10 18.94
N ILE A 72 -3.59 10.95 17.69
CA ILE A 72 -2.72 11.07 16.53
C ILE A 72 -3.38 12.01 15.53
N PRO A 73 -2.60 12.62 14.62
CA PRO A 73 -3.15 13.66 13.74
C PRO A 73 -4.41 13.27 12.97
N ASN A 74 -4.56 12.01 12.55
CA ASN A 74 -5.72 11.66 11.75
C ASN A 74 -7.03 11.68 12.54
N LEU A 75 -6.98 11.96 13.85
CA LEU A 75 -8.21 12.10 14.62
C LEU A 75 -9.09 13.20 14.06
N GLN A 76 -8.48 14.28 13.58
CA GLN A 76 -9.26 15.37 13.00
C GLN A 76 -9.70 15.04 11.59
N THR A 77 -8.77 14.58 10.74
CA THR A 77 -9.06 14.39 9.33
C THR A 77 -9.91 13.15 9.05
N ALA A 78 -9.81 12.12 9.89
CA ALA A 78 -10.55 10.88 9.66
C ALA A 78 -11.82 10.75 10.48
N PHE A 79 -11.92 11.48 11.60
CA PHE A 79 -13.10 11.38 12.47
C PHE A 79 -13.87 12.69 12.51
N PHE A 80 -13.33 13.74 13.14
CA PHE A 80 -14.10 14.97 13.32
C PHE A 80 -14.41 15.63 11.98
N ASP A 81 -13.48 15.56 11.02
CA ASP A 81 -13.77 16.09 9.69
C ASP A 81 -14.89 15.30 9.03
N PHE A 82 -14.91 13.98 9.23
CA PHE A 82 -16.00 13.17 8.71
C PHE A 82 -17.34 13.58 9.31
N LEU A 83 -17.35 13.89 10.62
CA LEU A 83 -18.56 14.36 11.27
C LEU A 83 -18.90 15.79 10.89
N GLY A 84 -17.95 16.54 10.33
CA GLY A 84 -18.18 17.94 10.04
C GLY A 84 -17.98 18.86 11.23
N ILE A 85 -17.10 18.48 12.15
CA ILE A 85 -16.86 19.23 13.38
C ILE A 85 -15.50 19.89 13.28
N PRO A 86 -15.41 21.22 13.25
CA PRO A 86 -14.10 21.87 13.18
C PRO A 86 -13.27 21.59 14.42
N GLU A 87 -11.95 21.64 14.24
CA GLU A 87 -11.02 21.38 15.35
C GLU A 87 -11.27 22.32 16.52
N ASP A 88 -11.45 23.61 16.24
CA ASP A 88 -11.66 24.59 17.31
C ASP A 88 -12.94 24.30 18.08
N GLU A 89 -13.97 23.77 17.41
CA GLU A 89 -15.25 23.57 18.07
C GLU A 89 -15.15 22.51 19.16
N TRP A 90 -14.62 21.33 18.84
CA TRP A 90 -14.55 20.27 19.84
C TRP A 90 -13.41 20.46 20.82
N MET A 91 -12.35 21.16 20.43
CA MET A 91 -11.25 21.44 21.36
C MET A 91 -11.72 22.28 22.53
N ARG A 92 -12.44 23.37 22.25
CA ARG A 92 -12.86 24.28 23.32
C ARG A 92 -13.86 23.61 24.26
N GLU A 93 -14.75 22.77 23.72
CA GLU A 93 -15.75 22.09 24.53
C GLU A 93 -15.19 20.92 25.31
N CYS A 94 -13.98 20.45 24.99
CA CYS A 94 -13.35 19.35 25.68
C CYS A 94 -12.11 19.75 26.45
N ASN A 95 -11.78 21.04 26.47
CA ASN A 95 -10.62 21.57 27.21
C ASN A 95 -9.35 20.80 26.84
N ALA A 96 -9.09 20.73 25.54
CA ALA A 96 -7.99 19.93 25.02
C ALA A 96 -6.71 20.75 24.92
N SER A 97 -5.58 20.05 24.97
CA SER A 97 -4.25 20.61 24.78
C SER A 97 -3.64 20.01 23.51
N TYR A 98 -2.42 20.43 23.20
CA TYR A 98 -1.74 20.01 21.98
C TYR A 98 -0.67 18.97 22.28
N LYS A 99 -0.51 18.02 21.36
CA LYS A 99 0.49 16.96 21.47
C LYS A 99 1.32 16.96 20.20
N VAL A 100 2.64 17.10 20.35
CA VAL A 100 3.54 17.13 19.20
C VAL A 100 4.34 15.83 19.07
N ALA A 101 4.60 15.12 20.16
CA ALA A 101 5.39 13.90 20.11
C ALA A 101 5.23 13.16 21.44
N ILE A 102 5.91 12.03 21.56
CA ILE A 102 6.01 11.27 22.80
C ILE A 102 7.47 11.28 23.23
N LYS A 103 7.72 11.70 24.47
CA LYS A 103 9.07 11.78 25.02
C LYS A 103 9.30 10.54 25.87
N PHE A 104 10.18 9.66 25.40
CA PHE A 104 10.50 8.42 26.11
C PHE A 104 11.65 8.70 27.07
N ILE A 105 11.38 8.62 28.37
CA ILE A 105 12.31 9.02 29.41
C ILE A 105 12.79 7.79 30.16
N ASN A 106 14.10 7.68 30.34
CA ASN A 106 14.73 6.67 31.19
C ASN A 106 14.54 5.25 30.68
N TRP A 107 14.37 5.08 29.37
CA TRP A 107 14.23 3.75 28.78
C TRP A 107 15.57 3.07 28.52
N ARG A 108 16.68 3.80 28.65
CA ARG A 108 18.01 3.24 28.37
C ARG A 108 18.93 3.23 29.58
N THR A 109 18.47 3.70 30.74
CA THR A 109 19.30 3.77 31.93
C THR A 109 18.61 3.06 33.09
N ALA A 110 19.41 2.38 33.90
CA ALA A 110 18.92 1.68 35.06
C ALA A 110 18.58 2.66 36.18
N GLY A 111 17.65 2.25 37.05
CA GLY A 111 17.27 3.06 38.20
C GLY A 111 15.81 2.99 38.59
N GLU A 112 15.43 3.66 39.68
CA GLU A 112 14.06 3.66 40.15
C GLU A 112 13.17 4.43 39.17
N GLY A 113 11.85 4.32 39.40
CA GLY A 113 10.89 5.06 38.59
C GLY A 113 10.78 6.51 39.04
N THR A 114 11.32 7.42 38.24
CA THR A 114 11.33 8.84 38.57
C THR A 114 10.97 9.66 37.34
N SER A 115 10.36 10.82 37.57
CA SER A 115 9.98 11.71 36.49
C SER A 115 11.16 12.48 35.91
N GLU A 116 12.32 12.44 36.56
CA GLU A 116 13.50 13.17 36.10
C GLU A 116 14.34 12.27 35.20
N ALA A 117 14.73 12.79 34.04
CA ALA A 117 15.54 12.03 33.10
C ALA A 117 16.95 11.83 33.65
N ARG A 118 17.44 10.60 33.58
CA ARG A 118 18.79 10.29 34.03
C ARG A 118 19.80 10.73 32.97
N GLU A 119 21.07 10.72 33.37
CA GLU A 119 22.15 11.14 32.48
C GLU A 119 22.58 9.99 31.60
N LEU A 120 22.78 10.28 30.31
CA LEU A 120 23.24 9.28 29.35
C LEU A 120 24.12 9.97 28.32
N ASP A 121 25.40 9.59 28.27
CA ASP A 121 26.35 10.11 27.30
C ASP A 121 26.36 11.64 27.28
N GLY A 122 26.47 12.23 28.47
CA GLY A 122 26.55 13.67 28.57
C GLY A 122 25.25 14.39 28.29
N GLY A 123 24.11 13.71 28.43
CA GLY A 123 22.83 14.32 28.18
C GLY A 123 21.70 13.56 28.85
N PRO A 124 20.51 14.13 28.86
CA PRO A 124 19.36 13.45 29.47
C PRO A 124 18.97 12.21 28.69
N ASP A 125 18.54 11.18 29.42
CA ASP A 125 18.12 9.92 28.80
C ASP A 125 16.68 10.08 28.31
N HIS A 126 16.56 10.66 27.13
CA HIS A 126 15.25 10.78 26.50
C HIS A 126 15.43 10.82 24.99
N PHE A 127 14.36 10.44 24.29
CA PHE A 127 14.32 10.54 22.83
C PHE A 127 12.86 10.71 22.42
N TYR A 128 12.65 11.38 21.30
CA TYR A 128 11.31 11.75 20.86
C TYR A 128 10.85 10.83 19.72
N HIS A 129 9.56 10.56 19.71
CA HIS A 129 8.87 9.95 18.58
C HIS A 129 7.89 11.00 18.07
N SER A 130 8.24 11.68 16.99
CA SER A 130 7.45 12.78 16.48
C SER A 130 6.52 12.31 15.36
N PHE A 131 5.56 13.18 15.03
CA PHE A 131 4.67 12.94 13.91
C PHE A 131 5.35 13.34 12.60
N GLY A 132 4.71 13.02 11.49
CA GLY A 132 5.25 13.34 10.18
C GLY A 132 6.02 12.19 9.57
N LEU A 133 6.68 12.49 8.46
CA LEU A 133 7.43 11.52 7.70
C LEU A 133 8.85 12.03 7.46
N LEU A 134 9.82 11.12 7.52
CA LEU A 134 11.19 11.48 7.21
C LEU A 134 11.30 11.93 5.75
N LYS A 135 12.11 12.97 5.53
CA LYS A 135 12.27 13.49 4.18
C LYS A 135 13.08 12.53 3.32
N TYR A 136 12.69 12.40 2.06
CA TYR A 136 13.43 11.59 1.10
C TYR A 136 14.53 12.42 0.46
N HIS A 137 15.70 11.82 0.31
CA HIS A 137 16.81 12.43 -0.41
C HIS A 137 17.32 11.40 -1.42
N GLU A 138 17.10 11.68 -2.70
CA GLU A 138 17.44 10.76 -3.78
C GLU A 138 16.79 9.40 -3.57
N GLN A 139 15.48 9.43 -3.27
CA GLN A 139 14.62 8.26 -3.12
C GLN A 139 14.95 7.43 -1.89
N ILE A 140 15.76 7.94 -0.97
CA ILE A 140 16.19 7.21 0.21
C ILE A 140 15.78 8.02 1.43
N PRO A 141 15.19 7.40 2.46
CA PRO A 141 14.84 8.16 3.67
C PRO A 141 16.07 8.75 4.34
N LEU A 142 15.85 9.89 5.02
CA LEU A 142 16.94 10.58 5.70
C LEU A 142 17.58 9.73 6.79
N SER A 143 16.82 8.77 7.35
CA SER A 143 17.36 7.92 8.40
C SER A 143 18.58 7.14 7.91
N HIS A 144 18.55 6.68 6.65
CA HIS A 144 19.69 5.94 6.12
C HIS A 144 20.92 6.82 5.98
N TYR A 145 20.73 8.12 5.67
CA TYR A 145 21.87 9.03 5.59
C TYR A 145 22.41 9.35 6.98
N TRP A 146 21.52 9.46 7.97
CA TRP A 146 21.97 9.74 9.33
C TRP A 146 22.86 8.61 9.85
N PHE A 147 22.40 7.37 9.73
CA PHE A 147 23.17 6.25 10.26
C PHE A 147 24.48 6.07 9.50
N ASP A 148 24.49 6.34 8.20
CA ASP A 148 25.72 6.28 7.43
C ASP A 148 26.80 7.18 8.02
N ARG A 149 26.43 8.40 8.42
CA ARG A 149 27.38 9.29 9.06
C ARG A 149 27.74 8.80 10.46
N SER A 150 26.74 8.33 11.22
CA SER A 150 26.99 7.86 12.57
C SER A 150 27.89 6.62 12.56
N TYR A 151 27.65 5.70 11.62
CA TYR A 151 28.46 4.48 11.54
C TYR A 151 29.92 4.81 11.26
N ARG A 152 30.17 5.76 10.35
CA ARG A 152 31.52 6.14 9.97
C ARG A 152 32.09 7.22 10.87
N GLY A 153 31.49 7.44 12.05
CA GLY A 153 32.02 8.41 12.98
C GLY A 153 31.95 9.85 12.53
N LYS A 154 31.15 10.15 11.51
CA LYS A 154 31.00 11.50 11.02
C LYS A 154 30.02 12.33 11.85
N THR A 155 29.26 11.71 12.74
CA THR A 155 28.34 12.44 13.60
C THR A 155 28.10 11.64 14.87
N VAL A 156 27.76 12.35 15.94
CA VAL A 156 27.35 11.74 17.19
C VAL A 156 25.97 12.20 17.63
N GLU A 157 25.29 13.01 16.82
CA GLU A 157 23.97 13.49 17.16
C GLU A 157 22.96 12.35 17.10
N PRO A 158 22.06 12.24 18.07
CA PRO A 158 21.03 11.19 18.01
C PRO A 158 20.14 11.34 16.78
N PHE A 159 19.47 10.24 16.44
CA PHE A 159 18.65 10.21 15.23
C PHE A 159 17.57 11.29 15.25
N ASP A 160 16.84 11.40 16.37
CA ASP A 160 15.68 12.29 16.40
C ASP A 160 16.09 13.75 16.26
N TYR A 161 17.18 14.16 16.91
CA TYR A 161 17.63 15.54 16.80
C TYR A 161 18.25 15.84 15.43
N ALA A 162 18.74 14.84 14.73
CA ALA A 162 19.37 15.08 13.44
C ALA A 162 18.35 15.17 12.31
N CYS A 163 17.30 14.35 12.36
CA CYS A 163 16.36 14.24 11.25
C CYS A 163 15.03 14.94 11.51
N TYR A 164 14.72 15.30 12.75
CA TYR A 164 13.48 15.97 13.08
C TYR A 164 13.78 17.36 13.65
N LYS A 165 12.93 18.32 13.30
CA LYS A 165 13.02 19.66 13.89
C LYS A 165 12.28 19.78 15.22
N GLU A 166 11.35 18.86 15.49
CA GLU A 166 10.53 18.96 16.70
C GLU A 166 11.32 18.86 17.99
N PRO A 167 12.27 17.92 18.17
CA PRO A 167 12.93 17.78 19.48
C PRO A 167 13.48 19.07 20.06
N VAL A 168 14.00 19.97 19.22
CA VAL A 168 14.59 21.21 19.75
C VAL A 168 13.50 22.13 20.29
N ILE A 169 12.39 22.29 19.55
CA ILE A 169 11.32 23.16 20.03
C ILE A 169 10.51 22.49 21.14
N LEU A 170 10.51 21.16 21.22
CA LEU A 170 9.82 20.49 22.32
C LEU A 170 10.60 20.62 23.63
N ASP A 171 11.94 20.68 23.56
CA ASP A 171 12.73 20.92 24.76
C ASP A 171 12.42 22.26 25.38
N ALA A 172 11.90 23.21 24.61
CA ALA A 172 11.55 24.53 25.11
C ALA A 172 10.04 24.71 25.27
N ASN A 173 9.26 23.62 25.19
CA ASN A 173 7.81 23.66 25.38
C ASN A 173 7.14 24.62 24.40
N ARG A 174 7.64 24.66 23.16
CA ARG A 174 7.09 25.56 22.16
C ARG A 174 5.73 25.07 21.68
N SER A 175 4.92 26.01 21.20
CA SER A 175 3.59 25.69 20.68
C SER A 175 3.69 25.23 19.23
N PRO A 176 2.86 24.27 18.82
CA PRO A 176 2.87 23.84 17.41
C PRO A 176 2.25 24.85 16.46
N ARG A 177 1.66 25.93 16.98
CA ARG A 177 1.07 26.97 16.15
C ARG A 177 1.56 28.33 16.63
N ARG A 178 1.80 29.24 15.69
CA ARG A 178 2.16 30.59 16.05
C ARG A 178 0.93 31.33 16.59
N LEU A 179 1.18 32.51 17.17
CA LEU A 179 0.09 33.29 17.73
C LEU A 179 -0.92 33.70 16.67
N ASP A 180 -0.50 33.85 15.41
CA ASP A 180 -1.42 34.17 14.34
C ASP A 180 -2.20 32.97 13.85
N GLY A 181 -1.99 31.79 14.44
CA GLY A 181 -2.73 30.60 14.11
C GLY A 181 -2.03 29.65 13.16
N SER A 182 -0.99 30.13 12.47
CA SER A 182 -0.30 29.30 11.49
C SER A 182 0.40 28.13 12.18
N LYS A 183 0.20 26.93 11.65
CA LYS A 183 0.76 25.71 12.23
C LYS A 183 2.12 25.42 11.58
N VAL A 184 3.08 25.03 12.41
CA VAL A 184 4.47 24.83 11.98
C VAL A 184 4.90 23.37 12.05
N THR A 185 4.02 22.48 12.50
CA THR A 185 4.37 21.06 12.58
C THR A 185 3.10 20.25 12.74
N ASN A 186 3.21 18.95 12.50
CA ASN A 186 2.10 18.04 12.71
C ASN A 186 1.92 17.77 14.19
N TYR A 187 0.67 17.79 14.65
CA TYR A 187 0.39 17.67 16.07
C TYR A 187 -0.89 16.89 16.28
N ALA A 188 -1.10 16.48 17.53
CA ALA A 188 -2.33 15.82 17.95
C ALA A 188 -2.84 16.54 19.19
N TRP A 189 -3.67 15.85 19.99
CA TRP A 189 -4.37 16.49 21.08
C TRP A 189 -4.30 15.67 22.35
N HIS A 190 -4.40 16.37 23.48
CA HIS A 190 -4.52 15.76 24.81
C HIS A 190 -5.85 16.21 25.39
N PHE A 191 -6.63 15.27 25.93
CA PHE A 191 -7.91 15.62 26.50
C PHE A 191 -8.39 14.53 27.45
N ASP A 192 -9.44 14.86 28.21
CA ASP A 192 -10.14 13.91 29.04
C ASP A 192 -11.19 13.20 28.19
N ALA A 193 -11.12 11.87 28.12
CA ALA A 193 -12.04 11.11 27.28
C ALA A 193 -13.50 11.37 27.64
N HIS A 194 -13.78 11.58 28.93
CA HIS A 194 -15.16 11.77 29.36
C HIS A 194 -15.79 12.98 28.72
N LEU A 195 -15.02 14.05 28.52
CA LEU A 195 -15.56 15.26 27.90
C LEU A 195 -15.86 15.02 26.42
N VAL A 196 -14.99 14.28 25.73
CA VAL A 196 -15.23 13.98 24.32
C VAL A 196 -16.45 13.07 24.18
N ALA A 197 -16.61 12.11 25.09
CA ALA A 197 -17.79 11.25 25.06
C ALA A 197 -19.07 12.05 25.25
N ASP A 198 -19.07 13.00 26.19
CA ASP A 198 -20.23 13.86 26.39
C ASP A 198 -20.47 14.77 25.19
N PHE A 199 -19.40 15.26 24.58
CA PHE A 199 -19.53 16.08 23.39
C PHE A 199 -20.15 15.28 22.25
N LEU A 200 -19.68 14.05 22.04
CA LEU A 200 -20.23 13.22 20.98
C LEU A 200 -21.62 12.69 21.34
N ARG A 201 -21.90 12.49 22.63
CA ARG A 201 -23.24 12.10 23.04
C ARG A 201 -24.25 13.18 22.68
N ARG A 202 -23.92 14.44 22.97
CA ARG A 202 -24.80 15.55 22.61
C ARG A 202 -24.90 15.68 21.09
N PHE A 203 -23.78 15.53 20.38
CA PHE A 203 -23.79 15.67 18.93
C PHE A 203 -24.64 14.58 18.27
N ALA A 204 -24.43 13.32 18.68
CA ALA A 204 -25.15 12.21 18.05
C ALA A 204 -26.65 12.31 18.30
N THR A 205 -27.05 12.62 19.53
CA THR A 205 -28.47 12.64 19.85
C THR A 205 -29.18 13.88 19.32
N GLU A 206 -28.52 15.04 19.39
CA GLU A 206 -29.15 16.29 19.01
C GLU A 206 -29.05 16.58 17.52
N LYS A 207 -27.97 16.15 16.86
CA LYS A 207 -27.75 16.46 15.45
C LYS A 207 -28.02 15.29 14.51
N LEU A 208 -27.76 14.06 14.94
CA LEU A 208 -27.85 12.89 14.07
C LEU A 208 -29.04 12.00 14.37
N GLY A 209 -29.88 12.37 15.34
CA GLY A 209 -31.08 11.59 15.60
C GLY A 209 -30.86 10.24 16.23
N VAL A 210 -29.73 10.03 16.91
CA VAL A 210 -29.48 8.77 17.60
C VAL A 210 -30.29 8.73 18.89
N ARG A 211 -30.94 7.59 19.14
CA ARG A 211 -31.76 7.42 20.33
C ARG A 211 -30.93 6.86 21.47
N HIS A 212 -30.97 7.51 22.62
CA HIS A 212 -30.25 7.10 23.81
C HIS A 212 -31.21 6.45 24.80
N VAL A 213 -30.88 5.24 25.24
CA VAL A 213 -31.70 4.48 26.18
C VAL A 213 -30.84 4.12 27.38
N GLU A 214 -31.29 4.53 28.57
CA GLU A 214 -30.59 4.24 29.82
C GLU A 214 -31.14 2.94 30.38
N ASP A 215 -30.45 1.83 30.11
CA ASP A 215 -30.90 0.54 30.60
C ASP A 215 -29.71 -0.42 30.61
N ARG A 216 -29.87 -1.51 31.36
CA ARG A 216 -28.83 -2.50 31.55
C ARG A 216 -29.21 -3.80 30.84
N VAL A 217 -28.28 -4.35 30.06
CA VAL A 217 -28.56 -5.57 29.32
C VAL A 217 -28.79 -6.72 30.30
N GLU A 218 -29.91 -7.41 30.13
CA GLU A 218 -30.28 -8.54 30.98
C GLU A 218 -30.14 -9.89 30.28
N HIS A 219 -30.53 -9.97 29.01
CA HIS A 219 -30.51 -11.22 28.27
C HIS A 219 -30.35 -10.92 26.79
N VAL A 220 -29.51 -11.71 26.11
CA VAL A 220 -29.28 -11.58 24.68
C VAL A 220 -29.87 -12.82 24.00
N GLN A 221 -30.81 -12.59 23.10
CA GLN A 221 -31.51 -13.67 22.41
C GLN A 221 -30.88 -13.90 21.05
N ARG A 222 -30.45 -15.14 20.80
CA ARG A 222 -29.86 -15.55 19.54
C ARG A 222 -30.82 -16.48 18.80
N ASP A 223 -30.65 -16.56 17.49
CA ASP A 223 -31.49 -17.42 16.67
C ASP A 223 -30.74 -18.71 16.33
N ALA A 224 -31.35 -19.53 15.48
CA ALA A 224 -30.73 -20.81 15.10
C ALA A 224 -29.48 -20.62 14.27
N ASN A 225 -29.29 -19.47 13.65
CA ASN A 225 -28.10 -19.19 12.85
C ASN A 225 -26.95 -18.61 13.66
N GLY A 226 -27.13 -18.48 14.98
CA GLY A 226 -26.10 -17.89 15.81
C GLY A 226 -26.08 -16.37 15.83
N ASN A 227 -26.94 -15.72 15.05
CA ASN A 227 -26.99 -14.27 15.03
C ASN A 227 -27.87 -13.76 16.16
N ILE A 228 -27.58 -12.53 16.59
CA ILE A 228 -28.35 -11.92 17.68
C ILE A 228 -29.73 -11.54 17.16
N GLU A 229 -30.77 -12.03 17.81
CA GLU A 229 -32.13 -11.69 17.44
C GLU A 229 -32.59 -10.38 18.09
N SER A 230 -32.39 -10.26 19.39
CA SER A 230 -32.77 -9.06 20.12
C SER A 230 -32.03 -9.03 21.44
N VAL A 231 -32.12 -7.89 22.13
CA VAL A 231 -31.53 -7.70 23.44
C VAL A 231 -32.61 -7.23 24.40
N ARG A 232 -32.78 -7.95 25.51
CA ARG A 232 -33.76 -7.57 26.52
C ARG A 232 -33.03 -6.92 27.68
N THR A 233 -33.56 -5.79 28.15
CA THR A 233 -32.93 -5.05 29.22
C THR A 233 -33.54 -5.42 30.58
N ALA A 234 -32.95 -4.87 31.64
CA ALA A 234 -33.39 -5.17 32.99
C ALA A 234 -34.82 -4.69 33.25
N THR A 235 -35.30 -3.70 32.51
CA THR A 235 -36.65 -3.18 32.67
C THR A 235 -37.68 -3.94 31.87
N GLY A 236 -37.28 -4.98 31.14
CA GLY A 236 -38.19 -5.76 30.33
C GLY A 236 -38.32 -5.29 28.89
N ARG A 237 -37.66 -4.20 28.52
CA ARG A 237 -37.73 -3.72 27.15
C ARG A 237 -36.87 -4.58 26.24
N VAL A 238 -37.41 -4.90 25.06
CA VAL A 238 -36.75 -5.75 24.09
C VAL A 238 -36.37 -4.88 22.90
N PHE A 239 -35.08 -4.88 22.56
CA PHE A 239 -34.56 -4.11 21.45
C PHE A 239 -34.07 -5.06 20.37
N ASP A 240 -34.71 -5.02 19.21
CA ASP A 240 -34.32 -5.81 18.06
C ASP A 240 -33.64 -4.91 17.04
N ALA A 241 -32.74 -5.49 16.26
CA ALA A 241 -32.02 -4.75 15.24
C ALA A 241 -31.49 -5.74 14.20
N ASP A 242 -31.03 -5.18 13.09
CA ASP A 242 -30.41 -5.99 12.04
C ASP A 242 -28.91 -6.14 12.25
N LEU A 243 -28.27 -5.14 12.85
CA LEU A 243 -26.84 -5.17 13.11
C LEU A 243 -26.59 -4.66 14.53
N PHE A 244 -25.77 -5.38 15.28
CA PHE A 244 -25.45 -5.04 16.66
C PHE A 244 -23.98 -4.68 16.77
N VAL A 245 -23.70 -3.58 17.46
CA VAL A 245 -22.35 -3.07 17.65
C VAL A 245 -22.01 -3.18 19.13
N ASP A 246 -21.02 -4.01 19.45
CA ASP A 246 -20.61 -4.24 20.84
C ASP A 246 -19.60 -3.16 21.23
N CYS A 247 -20.01 -2.26 22.11
CA CYS A 247 -19.13 -1.24 22.67
C CYS A 247 -19.09 -1.34 24.20
N SER A 248 -19.28 -2.55 24.72
CA SER A 248 -19.38 -2.77 26.16
C SER A 248 -18.03 -2.85 26.86
N GLY A 249 -16.92 -2.64 26.14
CA GLY A 249 -15.62 -2.65 26.79
C GLY A 249 -15.11 -4.06 27.05
N PHE A 250 -14.24 -4.17 28.06
CA PHE A 250 -13.60 -5.44 28.39
C PHE A 250 -14.61 -6.55 28.66
N ARG A 251 -15.84 -6.21 29.06
CA ARG A 251 -16.82 -7.24 29.38
C ARG A 251 -17.22 -8.03 28.14
N GLY A 252 -17.32 -7.38 26.99
CA GLY A 252 -17.73 -8.04 25.77
C GLY A 252 -19.07 -8.72 25.91
N LEU A 253 -20.10 -7.96 26.30
CA LEU A 253 -21.42 -8.53 26.56
C LEU A 253 -21.95 -9.30 25.35
N LEU A 254 -21.71 -8.80 24.14
CA LEU A 254 -22.22 -9.42 22.93
C LEU A 254 -21.19 -10.33 22.26
N ILE A 255 -20.02 -9.79 21.92
CA ILE A 255 -19.06 -10.54 21.12
C ILE A 255 -18.52 -11.74 21.91
N ASN A 256 -18.26 -11.57 23.21
CA ASN A 256 -17.68 -12.62 24.03
C ASN A 256 -18.71 -13.42 24.81
N LYS A 257 -19.58 -12.76 25.58
CA LYS A 257 -20.58 -13.47 26.36
C LYS A 257 -21.63 -14.13 25.46
N ALA A 258 -22.30 -13.33 24.62
CA ALA A 258 -23.40 -13.85 23.82
C ALA A 258 -22.88 -14.71 22.66
N MET A 259 -22.04 -14.13 21.81
CA MET A 259 -21.56 -14.84 20.63
C MET A 259 -20.53 -15.92 20.95
N GLU A 260 -20.00 -15.94 22.17
CA GLU A 260 -19.03 -16.95 22.61
C GLU A 260 -17.77 -16.96 21.74
N GLU A 261 -17.42 -15.81 21.17
CA GLU A 261 -16.20 -15.72 20.37
C GLU A 261 -14.98 -15.73 21.29
N PRO A 262 -14.00 -16.61 21.03
CA PRO A 262 -12.83 -16.66 21.91
C PRO A 262 -12.00 -15.39 21.84
N PHE A 263 -11.35 -15.08 22.95
CA PHE A 263 -10.42 -13.96 23.04
C PHE A 263 -8.99 -14.49 23.03
N LEU A 264 -8.15 -13.92 22.16
CA LEU A 264 -6.77 -14.38 22.01
C LEU A 264 -5.89 -13.58 22.96
N ASP A 265 -5.50 -14.21 24.07
CA ASP A 265 -4.57 -13.60 24.99
C ASP A 265 -3.18 -13.57 24.37
N MET A 266 -2.53 -12.41 24.41
CA MET A 266 -1.21 -12.23 23.82
C MET A 266 -0.20 -11.79 24.85
N SER A 267 -0.26 -12.40 26.04
CA SER A 267 0.71 -12.13 27.09
C SER A 267 2.08 -12.74 26.80
N ASP A 268 2.22 -13.48 25.70
CA ASP A 268 3.53 -13.96 25.26
C ASP A 268 4.30 -12.91 24.49
N HIS A 269 3.69 -11.75 24.23
CA HIS A 269 4.38 -10.62 23.61
C HIS A 269 4.37 -9.37 24.47
N LEU A 270 3.38 -9.20 25.34
CA LEU A 270 3.24 -8.01 26.17
C LEU A 270 2.98 -8.43 27.60
N LEU A 271 3.90 -8.11 28.50
CA LEU A 271 3.78 -8.52 29.90
C LEU A 271 2.90 -7.60 30.72
N ASN A 272 2.73 -6.34 30.32
CA ASN A 272 1.93 -5.41 31.09
C ASN A 272 0.46 -5.77 31.02
N ASP A 273 -0.21 -5.81 32.18
CA ASP A 273 -1.62 -6.15 32.23
C ASP A 273 -2.41 -5.35 33.25
N SER A 274 -1.79 -4.41 33.98
CA SER A 274 -2.47 -3.67 35.02
C SER A 274 -2.01 -2.21 34.96
N ALA A 275 -2.74 -1.35 35.67
CA ALA A 275 -2.41 0.06 35.68
C ALA A 275 -2.98 0.72 36.93
N VAL A 276 -2.25 1.72 37.41
CA VAL A 276 -2.71 2.59 38.49
C VAL A 276 -2.56 4.03 38.00
N ALA A 277 -3.68 4.75 37.91
CA ALA A 277 -3.69 6.06 37.30
C ALA A 277 -4.45 7.06 38.18
N THR A 278 -4.18 8.34 37.96
CA THR A 278 -4.81 9.41 38.71
C THR A 278 -4.67 10.70 37.90
N GLN A 279 -5.17 11.80 38.47
CA GLN A 279 -5.05 13.12 37.88
C GLN A 279 -4.45 14.06 38.91
N VAL A 280 -3.51 14.89 38.48
CA VAL A 280 -2.74 15.76 39.37
C VAL A 280 -2.98 17.21 38.93
N PRO A 281 -3.39 18.10 39.85
CA PRO A 281 -3.51 19.51 39.49
C PRO A 281 -2.16 20.09 39.12
N HIS A 282 -2.18 21.06 38.20
CA HIS A 282 -0.96 21.63 37.67
C HIS A 282 -1.12 23.14 37.52
N ASP A 283 -0.08 23.88 37.91
CA ASP A 283 -0.06 25.34 37.78
C ASP A 283 0.62 25.65 36.45
N ASP A 284 -0.21 25.83 35.41
CA ASP A 284 0.34 26.12 34.08
C ASP A 284 1.01 27.48 34.03
N ASP A 285 0.58 28.42 34.89
CA ASP A 285 1.20 29.75 34.89
C ASP A 285 2.63 29.69 35.43
N ALA A 286 2.89 28.80 36.38
CA ALA A 286 4.20 28.74 37.01
C ALA A 286 5.20 27.91 36.20
N ASN A 287 4.74 26.81 35.60
CA ASN A 287 5.63 25.86 34.97
C ASN A 287 5.42 25.69 33.48
N GLY A 288 4.40 26.30 32.90
CA GLY A 288 4.08 26.08 31.49
C GLY A 288 3.47 24.70 31.27
N VAL A 289 3.20 24.41 30.00
CA VAL A 289 2.57 23.17 29.59
C VAL A 289 3.47 22.49 28.56
N GLU A 290 3.71 21.19 28.78
CA GLU A 290 4.54 20.42 27.85
C GLU A 290 3.72 20.03 26.63
N PRO A 291 4.19 20.34 25.41
CA PRO A 291 3.43 19.96 24.21
C PRO A 291 3.71 18.55 23.76
N PHE A 292 3.74 17.61 24.70
CA PHE A 292 4.05 16.22 24.36
C PHE A 292 3.59 15.32 25.49
N THR A 293 3.37 14.05 25.13
CA THR A 293 3.11 13.01 26.12
C THR A 293 4.44 12.41 26.56
N SER A 294 4.54 12.12 27.85
CA SER A 294 5.74 11.52 28.42
C SER A 294 5.49 10.04 28.68
N ALA A 295 6.44 9.21 28.27
CA ALA A 295 6.42 7.78 28.55
C ALA A 295 7.63 7.48 29.44
N ILE A 296 7.41 7.47 30.75
CA ILE A 296 8.48 7.37 31.72
C ILE A 296 8.67 5.91 32.10
N ALA A 297 9.83 5.36 31.77
CA ALA A 297 10.12 3.97 32.09
C ALA A 297 10.20 3.76 33.60
N MET A 298 9.62 2.67 34.05
CA MET A 298 9.59 2.31 35.47
C MET A 298 10.36 1.00 35.67
N LYS A 299 10.32 0.49 36.91
CA LYS A 299 11.01 -0.75 37.21
C LYS A 299 10.25 -1.98 36.72
N SER A 300 8.92 -1.91 36.68
CA SER A 300 8.10 -3.02 36.23
C SER A 300 7.05 -2.57 35.22
N GLY A 301 7.41 -1.57 34.41
CA GLY A 301 6.49 -1.04 33.41
C GLY A 301 6.85 0.36 32.97
N TRP A 302 5.84 1.20 32.78
CA TRP A 302 6.08 2.58 32.39
C TRP A 302 4.90 3.43 32.85
N THR A 303 5.14 4.74 32.95
CA THR A 303 4.14 5.69 33.41
C THR A 303 3.94 6.76 32.35
N TRP A 304 2.68 7.05 32.04
CA TRP A 304 2.37 8.10 31.07
C TRP A 304 2.14 9.43 31.79
N LYS A 305 2.33 10.51 31.04
CA LYS A 305 1.99 11.85 31.50
C LYS A 305 1.35 12.59 30.35
N ILE A 306 0.07 12.94 30.49
CA ILE A 306 -0.70 13.60 29.45
C ILE A 306 -1.10 14.98 29.95
N PRO A 307 -0.34 16.01 29.61
CA PRO A 307 -0.66 17.36 30.11
C PRO A 307 -1.97 17.87 29.54
N MET A 308 -2.76 18.48 30.42
CA MET A 308 -4.02 19.09 30.02
C MET A 308 -4.06 20.50 30.59
N LEU A 309 -5.24 21.10 30.63
CA LEU A 309 -5.40 22.48 31.08
C LEU A 309 -5.53 22.51 32.59
N GLY A 310 -4.53 23.07 33.27
CA GLY A 310 -4.55 23.16 34.72
C GLY A 310 -4.32 21.85 35.45
N ARG A 311 -3.96 20.79 34.73
CA ARG A 311 -3.78 19.48 35.33
C ARG A 311 -3.10 18.58 34.29
N PHE A 312 -2.62 17.44 34.75
CA PHE A 312 -2.09 16.43 33.85
C PHE A 312 -2.50 15.05 34.35
N GLY A 313 -2.85 14.17 33.41
CA GLY A 313 -3.17 12.80 33.75
C GLY A 313 -1.92 11.94 33.72
N THR A 314 -1.87 10.96 34.63
CA THR A 314 -0.71 10.10 34.75
C THR A 314 -1.16 8.71 35.18
N GLY A 315 -0.53 7.70 34.60
CA GLY A 315 -0.86 6.32 34.93
C GLY A 315 0.31 5.37 34.78
N TYR A 316 0.50 4.51 35.79
CA TYR A 316 1.59 3.54 35.80
C TYR A 316 1.06 2.22 35.24
N VAL A 317 1.42 1.92 34.00
CA VAL A 317 1.11 0.63 33.38
C VAL A 317 2.21 -0.35 33.79
N TYR A 318 1.83 -1.45 34.43
CA TYR A 318 2.81 -2.38 34.98
C TYR A 318 2.36 -3.81 34.73
N SER A 319 3.25 -4.75 35.02
CA SER A 319 3.00 -6.18 34.86
C SER A 319 2.75 -6.80 36.23
N SER A 320 1.59 -7.45 36.39
CA SER A 320 1.27 -8.09 37.66
C SER A 320 2.22 -9.22 38.00
N ARG A 321 2.96 -9.74 37.03
CA ARG A 321 3.90 -10.82 37.30
C ARG A 321 5.15 -10.35 38.03
N PHE A 322 5.44 -9.05 37.99
CA PHE A 322 6.66 -8.52 38.57
C PHE A 322 6.43 -7.44 39.62
N ALA A 323 5.20 -6.99 39.81
CA ALA A 323 4.89 -5.99 40.82
C ALA A 323 3.46 -6.18 41.28
N THR A 324 3.27 -6.25 42.60
CA THR A 324 1.92 -6.33 43.13
C THR A 324 1.24 -4.97 43.04
N GLU A 325 -0.08 -4.98 43.24
CA GLU A 325 -0.83 -3.73 43.16
C GLU A 325 -0.33 -2.71 44.17
N ASP A 326 0.02 -3.17 45.38
CA ASP A 326 0.53 -2.25 46.39
C ASP A 326 1.91 -1.72 46.02
N GLU A 327 2.76 -2.57 45.42
CA GLU A 327 4.07 -2.11 44.98
C GLU A 327 3.95 -1.09 43.86
N ALA A 328 3.01 -1.32 42.93
CA ALA A 328 2.84 -0.37 41.83
C ALA A 328 2.24 0.94 42.32
N VAL A 329 1.28 0.87 43.25
CA VAL A 329 0.72 2.09 43.84
C VAL A 329 1.79 2.88 44.57
N ARG A 330 2.67 2.19 45.29
CA ARG A 330 3.75 2.87 46.00
C ARG A 330 4.73 3.51 45.02
N GLU A 331 5.19 2.75 44.03
CA GLU A 331 6.07 3.31 43.00
C GLU A 331 5.43 4.50 42.31
N PHE A 332 4.14 4.37 41.96
CA PHE A 332 3.45 5.43 41.25
C PHE A 332 3.31 6.69 42.11
N CYS A 333 2.87 6.52 43.36
CA CYS A 333 2.67 7.67 44.23
C CYS A 333 3.99 8.33 44.60
N GLU A 334 5.03 7.53 44.86
CA GLU A 334 6.30 8.10 45.30
C GLU A 334 6.95 8.93 44.20
N MET A 335 6.81 8.51 42.94
CA MET A 335 7.41 9.27 41.85
C MET A 335 6.74 10.63 41.67
N TRP A 336 5.46 10.73 42.03
CA TRP A 336 4.74 11.99 41.95
C TRP A 336 4.56 12.65 43.30
N HIS A 337 5.15 12.07 44.36
CA HIS A 337 5.05 12.61 45.73
C HIS A 337 3.59 12.76 46.15
N LEU A 338 2.84 11.68 46.01
CA LEU A 338 1.43 11.62 46.38
C LEU A 338 1.26 10.71 47.59
N ASP A 339 0.14 10.90 48.29
CA ASP A 339 -0.17 10.11 49.47
C ASP A 339 -0.88 8.84 49.03
N PRO A 340 -0.26 7.65 49.14
CA PRO A 340 -0.94 6.42 48.72
C PRO A 340 -2.21 6.12 49.50
N GLU A 341 -2.42 6.78 50.63
CA GLU A 341 -3.61 6.54 51.46
C GLU A 341 -4.73 7.51 51.18
N THR A 342 -4.45 8.65 50.54
CA THR A 342 -5.45 9.69 50.31
C THR A 342 -5.63 10.08 48.86
N GLN A 343 -4.64 9.84 48.00
CA GLN A 343 -4.76 10.24 46.60
C GLN A 343 -5.84 9.40 45.91
N PRO A 344 -6.77 10.04 45.19
CA PRO A 344 -7.75 9.26 44.41
C PRO A 344 -7.05 8.50 43.30
N LEU A 345 -7.24 7.19 43.28
CA LEU A 345 -6.54 6.32 42.35
C LEU A 345 -7.53 5.41 41.63
N ASN A 346 -7.23 5.11 40.37
CA ASN A 346 -7.97 4.15 39.58
C ASN A 346 -7.08 2.93 39.34
N ARG A 347 -7.50 1.78 39.86
CA ARG A 347 -6.76 0.53 39.70
C ARG A 347 -7.45 -0.32 38.65
N ILE A 348 -6.75 -0.59 37.56
CA ILE A 348 -7.33 -1.25 36.39
C ILE A 348 -6.54 -2.51 36.10
N ARG A 349 -7.25 -3.56 35.65
CA ARG A 349 -6.65 -4.81 35.20
C ARG A 349 -7.23 -5.11 33.82
N PHE A 350 -6.49 -4.79 32.78
CA PHE A 350 -7.00 -4.97 31.43
C PHE A 350 -6.64 -6.33 30.85
N ARG A 351 -7.35 -6.69 29.77
CA ARG A 351 -7.07 -7.89 28.99
C ARG A 351 -6.29 -7.47 27.76
N VAL A 352 -5.10 -8.03 27.60
CA VAL A 352 -4.22 -7.68 26.49
C VAL A 352 -4.40 -8.72 25.39
N GLY A 353 -4.71 -8.25 24.18
CA GLY A 353 -4.95 -9.12 23.06
C GLY A 353 -6.11 -8.67 22.20
N ARG A 354 -6.75 -9.61 21.51
CA ARG A 354 -7.87 -9.30 20.65
C ARG A 354 -8.76 -10.51 20.52
N ASN A 355 -10.00 -10.28 20.07
CA ASN A 355 -10.88 -11.39 19.75
C ASN A 355 -10.35 -12.15 18.54
N ARG A 356 -10.70 -13.43 18.47
CA ARG A 356 -10.34 -14.21 17.30
C ARG A 356 -10.92 -13.60 16.03
N ARG A 357 -12.13 -13.06 16.12
CA ARG A 357 -12.77 -12.33 15.03
C ARG A 357 -13.50 -11.14 15.62
N ALA A 358 -13.25 -9.94 15.06
CA ALA A 358 -13.89 -8.74 15.57
C ALA A 358 -15.37 -8.71 15.24
N TRP A 359 -15.77 -9.32 14.12
CA TRP A 359 -17.14 -9.29 13.64
C TRP A 359 -17.60 -10.73 13.42
N VAL A 360 -18.65 -11.12 14.13
CA VAL A 360 -19.21 -12.47 14.02
C VAL A 360 -20.71 -12.34 13.82
N GLY A 361 -21.22 -12.99 12.78
CA GLY A 361 -22.65 -12.93 12.49
C GLY A 361 -23.08 -11.50 12.20
N ASN A 362 -24.03 -11.00 12.99
CA ASN A 362 -24.49 -9.63 12.89
C ASN A 362 -24.04 -8.80 14.10
N CYS A 363 -22.91 -9.17 14.69
CA CYS A 363 -22.38 -8.50 15.88
C CYS A 363 -20.96 -8.03 15.57
N VAL A 364 -20.77 -6.73 15.55
CA VAL A 364 -19.48 -6.11 15.26
C VAL A 364 -18.96 -5.49 16.55
N SER A 365 -17.76 -5.90 16.97
CA SER A 365 -17.15 -5.37 18.18
C SER A 365 -16.29 -4.16 17.84
N ILE A 366 -16.48 -3.08 18.58
CA ILE A 366 -15.75 -1.83 18.38
C ILE A 366 -15.23 -1.35 19.73
N GLY A 367 -13.95 -1.01 19.79
CA GLY A 367 -13.35 -0.54 21.01
C GLY A 367 -12.62 -1.63 21.77
N THR A 368 -12.53 -1.50 23.10
CA THR A 368 -11.82 -2.48 23.90
C THR A 368 -12.55 -3.82 23.97
N SER A 369 -13.81 -3.89 23.55
CA SER A 369 -14.47 -5.17 23.39
C SER A 369 -13.87 -5.99 22.26
N SER A 370 -13.25 -5.32 21.29
CA SER A 370 -12.59 -5.97 20.16
C SER A 370 -11.14 -6.31 20.46
N CYS A 371 -10.37 -5.35 20.96
CA CYS A 371 -8.96 -5.54 21.22
C CYS A 371 -8.49 -4.48 22.19
N PHE A 372 -7.33 -4.72 22.80
CA PHE A 372 -6.72 -3.72 23.66
C PHE A 372 -5.23 -3.93 23.73
N VAL A 373 -4.49 -2.83 23.75
CA VAL A 373 -3.05 -2.81 23.97
C VAL A 373 -2.74 -1.56 24.77
N GLU A 374 -1.68 -1.62 25.58
CA GLU A 374 -1.32 -0.49 26.43
C GLU A 374 -1.13 0.77 25.59
N PRO A 375 -1.51 1.94 26.12
CA PRO A 375 -1.48 3.17 25.31
C PRO A 375 -0.09 3.74 25.11
N LEU A 376 0.89 2.87 24.86
CA LEU A 376 2.26 3.33 24.70
C LEU A 376 2.44 4.21 23.46
N GLU A 377 1.65 3.99 22.42
CA GLU A 377 1.78 4.74 21.18
C GLU A 377 0.46 5.38 20.76
N SER A 378 -0.42 5.65 21.72
CA SER A 378 -1.63 6.43 21.50
C SER A 378 -2.48 5.86 20.37
N THR A 379 -2.81 4.57 20.49
CA THR A 379 -3.60 3.88 19.47
C THR A 379 -5.01 3.54 19.93
N GLY A 380 -5.35 3.77 21.20
CA GLY A 380 -6.64 3.41 21.73
C GLY A 380 -7.82 3.98 20.99
N ILE A 381 -7.89 5.32 20.90
CA ILE A 381 -9.01 5.96 20.22
C ILE A 381 -8.92 5.75 18.71
N TYR A 382 -7.70 5.69 18.17
CA TYR A 382 -7.53 5.42 16.74
C TYR A 382 -8.20 4.11 16.35
N PHE A 383 -8.06 3.07 17.17
CA PHE A 383 -8.66 1.78 16.87
C PHE A 383 -10.18 1.90 16.70
N VAL A 384 -10.81 2.86 17.38
CA VAL A 384 -12.26 2.99 17.32
C VAL A 384 -12.69 3.49 15.94
N TYR A 385 -12.22 4.68 15.55
CA TYR A 385 -12.68 5.23 14.28
C TYR A 385 -11.99 4.60 13.07
N ALA A 386 -10.86 3.92 13.26
CA ALA A 386 -10.31 3.13 12.17
C ALA A 386 -11.19 1.92 11.88
N ALA A 387 -11.68 1.26 12.93
CA ALA A 387 -12.60 0.14 12.73
C ALA A 387 -13.94 0.61 12.17
N LEU A 388 -14.43 1.75 12.65
CA LEU A 388 -15.67 2.30 12.11
C LEU A 388 -15.52 2.64 10.63
N TYR A 389 -14.34 3.10 10.23
CA TYR A 389 -14.08 3.34 8.80
C TYR A 389 -14.12 2.04 8.01
N GLN A 390 -13.53 0.97 8.56
CA GLN A 390 -13.57 -0.32 7.89
C GLN A 390 -14.95 -0.94 7.94
N LEU A 391 -15.74 -0.63 8.98
CA LEU A 391 -17.09 -1.16 9.07
C LEU A 391 -17.97 -0.58 7.97
N VAL A 392 -17.90 0.74 7.76
CA VAL A 392 -18.69 1.37 6.70
C VAL A 392 -18.20 0.90 5.34
N LYS A 393 -16.89 0.75 5.17
CA LYS A 393 -16.35 0.29 3.89
C LYS A 393 -16.82 -1.13 3.57
N HIS A 394 -16.94 -1.97 4.59
CA HIS A 394 -17.44 -3.34 4.44
C HIS A 394 -18.88 -3.48 4.91
N PHE A 395 -19.68 -2.42 4.81
CA PHE A 395 -21.01 -2.43 5.39
C PHE A 395 -21.89 -3.46 4.69
N PRO A 396 -22.61 -4.30 5.43
CA PRO A 396 -23.41 -5.35 4.79
C PRO A 396 -24.87 -4.96 4.60
N ASP A 397 -25.64 -5.86 4.01
CA ASP A 397 -27.09 -5.81 4.02
C ASP A 397 -27.61 -6.91 4.93
N LYS A 398 -28.92 -7.17 4.88
CA LYS A 398 -29.51 -8.17 5.76
C LYS A 398 -29.00 -9.57 5.46
N SER A 399 -28.47 -9.82 4.26
CA SER A 399 -27.98 -11.15 3.93
C SER A 399 -26.66 -11.46 4.64
N LEU A 400 -25.94 -10.44 5.11
CA LEU A 400 -24.68 -10.61 5.82
C LEU A 400 -23.71 -11.47 5.01
N ASN A 401 -23.31 -10.93 3.86
CA ASN A 401 -22.37 -11.62 2.99
C ASN A 401 -21.09 -11.93 3.75
N PRO A 402 -20.67 -13.20 3.82
CA PRO A 402 -19.48 -13.55 4.64
C PRO A 402 -18.20 -12.90 4.16
N VAL A 403 -18.10 -12.52 2.88
CA VAL A 403 -16.88 -11.92 2.38
C VAL A 403 -16.64 -10.56 3.04
N LEU A 404 -17.72 -9.80 3.27
CA LEU A 404 -17.58 -8.51 3.95
C LEU A 404 -17.07 -8.69 5.36
N THR A 405 -17.64 -9.66 6.08
CA THR A 405 -17.20 -9.92 7.46
C THR A 405 -15.76 -10.41 7.49
N ALA A 406 -15.41 -11.33 6.60
CA ALA A 406 -14.07 -11.91 6.60
C ALA A 406 -13.01 -10.85 6.30
N ARG A 407 -13.28 -9.98 5.33
CA ARG A 407 -12.31 -8.94 4.98
C ARG A 407 -12.18 -7.90 6.10
N PHE A 408 -13.30 -7.55 6.74
CA PHE A 408 -13.24 -6.65 7.90
C PHE A 408 -12.39 -7.24 9.01
N ASN A 409 -12.62 -8.52 9.34
CA ASN A 409 -11.85 -9.17 10.39
C ASN A 409 -10.36 -9.20 10.07
N ARG A 410 -10.01 -9.34 8.79
CA ARG A 410 -8.59 -9.31 8.42
C ARG A 410 -7.98 -7.94 8.64
N GLU A 411 -8.69 -6.88 8.25
CA GLU A 411 -8.16 -5.53 8.42
C GLU A 411 -7.97 -5.21 9.90
N ILE A 412 -8.94 -5.59 10.74
CA ILE A 412 -8.82 -5.36 12.17
C ILE A 412 -7.69 -6.19 12.75
N GLU A 413 -7.57 -7.45 12.30
CA GLU A 413 -6.54 -8.34 12.83
C GLU A 413 -5.15 -7.82 12.49
N THR A 414 -4.96 -7.26 11.29
CA THR A 414 -3.67 -6.69 10.94
C THR A 414 -3.41 -5.40 11.68
N MET A 415 -4.45 -4.57 11.85
CA MET A 415 -4.30 -3.30 12.56
C MET A 415 -3.77 -3.51 13.97
N PHE A 416 -4.31 -4.50 14.69
CA PHE A 416 -3.88 -4.73 16.07
C PHE A 416 -2.53 -5.43 16.12
N ASP A 417 -2.38 -6.52 15.36
CA ASP A 417 -1.16 -7.31 15.44
C ASP A 417 0.08 -6.49 15.07
N ASP A 418 -0.06 -5.61 14.07
CA ASP A 418 1.05 -4.71 13.73
C ASP A 418 1.35 -3.78 14.90
N THR A 419 0.31 -3.30 15.58
CA THR A 419 0.53 -2.45 16.75
C THR A 419 1.14 -3.25 17.89
N ARG A 420 0.66 -4.47 18.12
CA ARG A 420 1.22 -5.32 19.16
C ARG A 420 2.71 -5.55 18.93
N ASP A 421 3.10 -5.90 17.70
CA ASP A 421 4.50 -6.12 17.39
C ASP A 421 5.33 -4.86 17.64
N PHE A 422 4.80 -3.70 17.25
CA PHE A 422 5.53 -2.45 17.45
C PHE A 422 5.68 -2.12 18.93
N ILE A 423 4.62 -2.33 19.72
CA ILE A 423 4.68 -2.03 21.15
C ILE A 423 5.70 -2.94 21.83
N GLN A 424 5.72 -4.22 21.47
CA GLN A 424 6.67 -5.14 22.09
C GLN A 424 8.11 -4.71 21.84
N ALA A 425 8.39 -4.16 20.65
CA ALA A 425 9.75 -3.73 20.32
C ALA A 425 10.25 -2.66 21.27
N HIS A 426 9.34 -1.88 21.87
CA HIS A 426 9.76 -0.87 22.84
C HIS A 426 10.45 -1.51 24.04
N PHE A 427 9.93 -2.64 24.50
CA PHE A 427 10.52 -3.33 25.65
C PHE A 427 11.58 -4.34 25.23
N TYR A 428 11.38 -5.03 24.10
CA TYR A 428 12.31 -6.06 23.68
C TYR A 428 13.70 -5.49 23.39
N PHE A 429 13.76 -4.28 22.83
CA PHE A 429 15.03 -3.68 22.42
C PHE A 429 15.51 -2.61 23.39
N SER A 430 14.90 -2.50 24.57
CA SER A 430 15.45 -1.63 25.60
C SER A 430 16.72 -2.25 26.17
N PRO A 431 17.78 -1.47 26.35
CA PRO A 431 19.03 -2.03 26.91
C PRO A 431 18.97 -2.28 28.41
N ARG A 432 17.90 -1.87 29.09
CA ARG A 432 17.83 -2.02 30.53
C ARG A 432 17.76 -3.49 30.94
N THR A 433 18.51 -3.83 32.01
CA THR A 433 18.52 -5.17 32.56
C THR A 433 18.51 -5.18 34.08
N ASP A 434 18.12 -4.07 34.71
CA ASP A 434 18.32 -3.90 36.14
C ASP A 434 17.21 -4.53 36.99
N THR A 435 16.06 -4.82 36.41
CA THR A 435 14.93 -5.37 37.14
C THR A 435 14.47 -6.65 36.46
N PRO A 436 13.80 -7.55 37.19
CA PRO A 436 13.29 -8.77 36.55
C PRO A 436 12.34 -8.49 35.38
N PHE A 437 11.61 -7.38 35.42
CA PHE A 437 10.70 -7.04 34.33
C PHE A 437 11.47 -6.84 33.02
N TRP A 438 12.46 -5.95 33.03
CA TRP A 438 13.21 -5.67 31.81
C TRP A 438 14.00 -6.87 31.34
N ARG A 439 14.48 -7.71 32.27
CA ARG A 439 15.20 -8.91 31.86
C ARG A 439 14.26 -9.92 31.21
N ALA A 440 13.04 -10.04 31.74
CA ALA A 440 12.09 -11.01 31.18
C ALA A 440 11.63 -10.60 29.79
N ASN A 441 11.50 -9.30 29.54
CA ASN A 441 11.08 -8.84 28.22
C ASN A 441 12.01 -9.33 27.13
N LYS A 442 13.31 -9.42 27.42
CA LYS A 442 14.26 -9.94 26.45
C LYS A 442 14.14 -11.44 26.26
N GLU A 443 13.46 -12.13 27.17
CA GLU A 443 13.27 -13.58 27.06
C GLU A 443 12.04 -13.95 26.23
N LEU A 444 11.20 -12.98 25.89
CA LEU A 444 10.07 -13.26 25.01
C LEU A 444 10.54 -13.32 23.57
N ARG A 445 9.69 -13.88 22.71
CA ARG A 445 9.99 -14.02 21.30
C ARG A 445 9.15 -13.03 20.49
N LEU A 446 9.76 -12.40 19.51
CA LEU A 446 9.04 -11.50 18.61
C LEU A 446 8.25 -12.32 17.59
N ALA A 447 7.14 -11.75 17.16
CA ALA A 447 6.34 -12.38 16.12
C ALA A 447 7.15 -12.46 14.82
N ASP A 448 6.83 -13.47 14.00
CA ASP A 448 7.54 -13.67 12.75
C ASP A 448 7.50 -12.41 11.88
N GLY A 449 6.36 -11.75 11.83
CA GLY A 449 6.27 -10.51 11.06
C GLY A 449 7.17 -9.42 11.61
N MET A 450 7.31 -9.35 12.94
CA MET A 450 8.18 -8.34 13.54
C MET A 450 9.65 -8.72 13.38
N GLN A 451 9.98 -10.01 13.54
CA GLN A 451 11.37 -10.43 13.39
C GLN A 451 11.87 -10.18 11.98
N GLU A 452 11.01 -10.37 10.98
CA GLU A 452 11.41 -10.07 9.61
C GLU A 452 11.66 -8.58 9.41
N LYS A 453 10.86 -7.74 10.07
CA LYS A 453 11.10 -6.30 10.01
C LYS A 453 12.45 -5.95 10.63
N ILE A 454 12.78 -6.58 11.76
CA ILE A 454 14.07 -6.32 12.40
C ILE A 454 15.21 -6.83 11.53
N ASP A 455 15.00 -7.94 10.82
CA ASP A 455 16.01 -8.44 9.90
C ASP A 455 16.31 -7.41 8.81
N MET A 456 15.25 -6.83 8.23
CA MET A 456 15.44 -5.77 7.24
C MET A 456 16.15 -4.57 7.86
N TYR A 457 15.72 -4.16 9.05
CA TYR A 457 16.30 -3.00 9.72
C TYR A 457 17.80 -3.17 9.90
N ARG A 458 18.23 -4.33 10.42
CA ARG A 458 19.65 -4.58 10.59
C ARG A 458 20.37 -4.65 9.25
N ALA A 459 19.67 -5.03 8.18
CA ALA A 459 20.27 -5.10 6.85
C ALA A 459 20.35 -3.74 6.17
N GLY A 460 19.97 -2.66 6.84
CA GLY A 460 20.03 -1.34 6.28
C GLY A 460 18.80 -0.92 5.48
N MET A 461 17.80 -1.79 5.38
CA MET A 461 16.59 -1.46 4.65
C MET A 461 15.64 -0.63 5.50
N ALA A 462 14.76 0.11 4.82
CA ALA A 462 13.67 0.78 5.50
C ALA A 462 12.56 -0.23 5.80
N ILE A 463 11.77 0.08 6.82
CA ILE A 463 10.64 -0.76 7.23
C ILE A 463 9.37 -0.01 6.88
N ASN A 464 8.64 -0.49 5.89
CA ASN A 464 7.39 0.14 5.44
C ASN A 464 7.60 1.61 5.13
N ALA A 465 8.57 1.88 4.26
CA ALA A 465 8.86 3.26 3.88
C ALA A 465 7.63 3.90 3.25
N PRO A 466 7.35 5.17 3.56
CA PRO A 466 6.18 5.82 2.97
C PRO A 466 6.33 6.02 1.48
N ALA A 467 5.20 5.90 0.76
CA ALA A 467 5.21 6.14 -0.67
C ALA A 467 5.64 7.56 -1.00
N SER A 468 5.30 8.52 -0.14
CA SER A 468 5.72 9.90 -0.29
C SER A 468 6.05 10.47 1.07
N ASP A 469 6.92 11.48 1.09
CA ASP A 469 7.23 12.20 2.32
C ASP A 469 6.32 13.39 2.55
N ASP A 470 5.23 13.50 1.80
CA ASP A 470 4.27 14.58 1.97
C ASP A 470 3.33 14.21 3.10
N ALA A 471 3.48 14.88 4.25
CA ALA A 471 2.63 14.56 5.39
C ALA A 471 1.18 14.94 5.15
N GLN A 472 0.94 15.96 4.31
CA GLN A 472 -0.45 16.35 4.02
C GLN A 472 -1.19 15.24 3.29
N LEU A 473 -0.54 14.60 2.32
CA LEU A 473 -1.15 13.44 1.67
C LEU A 473 -1.32 12.30 2.66
N TYR A 474 -0.31 12.05 3.48
CA TYR A 474 -0.38 10.97 4.47
C TYR A 474 -1.54 11.17 5.43
N TYR A 475 -1.51 12.27 6.20
CA TYR A 475 -2.53 12.53 7.20
C TYR A 475 -3.85 13.02 6.62
N GLY A 476 -3.89 13.33 5.32
CA GLY A 476 -5.10 13.81 4.70
C GLY A 476 -5.90 12.73 4.00
N ASN A 477 -5.29 11.57 3.79
CA ASN A 477 -5.92 10.45 3.10
C ASN A 477 -5.83 9.23 4.02
N PHE A 478 -6.96 8.90 4.66
CA PHE A 478 -6.95 7.79 5.61
C PHE A 478 -6.56 6.48 4.94
N GLU A 479 -7.00 6.28 3.70
CA GLU A 479 -6.62 5.06 2.99
C GLU A 479 -5.11 5.00 2.76
N GLU A 480 -4.50 6.14 2.41
CA GLU A 480 -3.05 6.17 2.25
C GLU A 480 -2.34 5.85 3.56
N GLU A 481 -2.83 6.41 4.68
CA GLU A 481 -2.17 6.18 5.96
C GLU A 481 -2.46 4.77 6.50
N PHE A 482 -3.68 4.29 6.35
CA PHE A 482 -4.03 2.98 6.91
C PHE A 482 -3.19 1.87 6.28
N ARG A 483 -2.87 2.00 4.99
CA ARG A 483 -2.02 1.01 4.34
C ARG A 483 -0.56 1.15 4.75
N ASN A 484 -0.20 2.21 5.44
CA ASN A 484 1.19 2.48 5.82
C ASN A 484 1.21 3.15 7.19
N PHE A 485 0.47 2.55 8.15
CA PHE A 485 0.29 3.19 9.45
C PHE A 485 1.61 3.28 10.21
N TRP A 486 2.30 2.15 10.35
CA TRP A 486 3.63 2.13 10.99
C TRP A 486 4.66 2.16 9.87
N ASN A 487 5.20 3.35 9.62
CA ASN A 487 6.13 3.55 8.52
C ASN A 487 7.56 3.68 9.05
N ASN A 488 8.51 3.81 8.11
CA ASN A 488 9.93 3.81 8.44
C ASN A 488 10.27 4.88 9.48
N SER A 489 9.63 6.04 9.39
CA SER A 489 9.91 7.11 10.35
C SER A 489 9.62 6.66 11.77
N ASN A 490 8.48 5.97 11.98
CA ASN A 490 8.11 5.53 13.31
C ASN A 490 9.08 4.47 13.83
N TYR A 491 9.46 3.51 12.98
CA TYR A 491 10.36 2.44 13.42
C TYR A 491 11.73 2.98 13.80
N TYR A 492 12.25 3.93 13.03
CA TYR A 492 13.57 4.48 13.34
C TYR A 492 13.54 5.30 14.63
N CYS A 493 12.48 6.06 14.86
CA CYS A 493 12.38 6.84 16.09
C CYS A 493 12.49 5.96 17.33
N VAL A 494 11.80 4.82 17.32
CA VAL A 494 11.79 3.95 18.49
C VAL A 494 13.05 3.08 18.55
N LEU A 495 13.37 2.41 17.44
CA LEU A 495 14.49 1.47 17.44
C LEU A 495 15.82 2.20 17.63
N ALA A 496 16.10 3.19 16.78
CA ALA A 496 17.34 3.95 16.95
C ALA A 496 17.34 4.75 18.24
N GLY A 497 16.17 5.21 18.69
CA GLY A 497 16.08 5.89 19.97
C GLY A 497 16.51 4.99 21.13
N LEU A 498 16.08 3.74 21.11
CA LEU A 498 16.46 2.79 22.16
C LEU A 498 17.89 2.30 22.01
N GLY A 499 18.49 2.47 20.83
CA GLY A 499 19.86 2.05 20.60
C GLY A 499 20.03 0.98 19.54
N LEU A 500 18.96 0.41 19.00
CA LEU A 500 19.08 -0.60 17.97
C LEU A 500 19.32 0.08 16.62
N VAL A 501 20.46 -0.24 16.01
CA VAL A 501 20.85 0.35 14.74
C VAL A 501 21.24 -0.78 13.80
N PRO A 502 21.24 -0.53 12.48
CA PRO A 502 21.63 -1.58 11.53
C PRO A 502 23.06 -2.05 11.77
N ASP A 503 23.35 -3.26 11.28
CA ASP A 503 24.69 -3.82 11.43
C ASP A 503 25.71 -3.04 10.61
N ALA A 504 25.27 -2.40 9.52
CA ALA A 504 26.15 -1.64 8.65
C ALA A 504 25.28 -0.71 7.82
N PRO A 505 25.86 0.37 7.27
CA PRO A 505 25.07 1.27 6.43
C PRO A 505 24.51 0.55 5.22
N SER A 506 23.48 1.15 4.63
CA SER A 506 22.85 0.60 3.44
C SER A 506 23.88 0.48 2.33
N PRO A 507 24.09 -0.71 1.77
CA PRO A 507 25.14 -0.87 0.74
C PRO A 507 24.90 -0.01 -0.48
N ARG A 508 23.67 0.47 -0.69
CA ARG A 508 23.34 1.29 -1.83
C ARG A 508 23.91 2.70 -1.72
N LEU A 509 24.26 3.14 -0.51
CA LEU A 509 24.82 4.48 -0.33
C LEU A 509 26.25 4.58 -0.85
N ALA A 510 27.00 3.48 -0.80
CA ALA A 510 28.37 3.49 -1.31
C ALA A 510 28.45 3.72 -2.82
N HIS A 511 27.33 3.59 -3.54
CA HIS A 511 27.29 3.85 -4.97
C HIS A 511 26.67 5.20 -5.30
N MET A 512 26.45 6.04 -4.29
CA MET A 512 25.82 7.35 -4.47
C MET A 512 26.68 8.42 -3.80
N PRO A 513 27.89 8.65 -4.31
CA PRO A 513 28.77 9.64 -3.66
C PRO A 513 28.23 11.05 -3.71
N GLN A 514 27.53 11.42 -4.78
CA GLN A 514 26.94 12.77 -4.84
C GLN A 514 25.76 12.90 -3.90
N ALA A 515 24.99 11.83 -3.71
CA ALA A 515 23.84 11.90 -2.81
C ALA A 515 24.27 12.01 -1.36
N THR A 516 25.28 11.22 -0.95
CA THR A 516 25.77 11.28 0.42
C THR A 516 26.46 12.61 0.73
N GLU A 517 26.85 13.36 -0.30
CA GLU A 517 27.47 14.67 -0.10
C GLU A 517 26.44 15.79 -0.13
N SER A 518 25.46 15.71 -1.04
CA SER A 518 24.42 16.73 -1.12
C SER A 518 23.43 16.64 0.04
N VAL A 519 23.40 15.52 0.77
CA VAL A 519 22.52 15.40 1.93
C VAL A 519 22.93 16.33 3.06
N ASP A 520 24.13 16.91 2.99
CA ASP A 520 24.56 17.88 3.98
C ASP A 520 23.58 19.03 4.07
N GLU A 521 23.05 19.49 2.94
CA GLU A 521 22.10 20.59 2.94
C GLU A 521 20.75 20.20 3.51
N VAL A 522 20.41 18.91 3.46
CA VAL A 522 19.15 18.46 4.05
C VAL A 522 19.22 18.52 5.57
N PHE A 523 20.33 18.06 6.15
CA PHE A 523 20.50 18.15 7.58
C PHE A 523 20.65 19.60 8.04
N GLY A 524 21.25 20.44 7.22
CA GLY A 524 21.36 21.85 7.56
C GLY A 524 20.02 22.56 7.55
N ALA A 525 19.09 22.12 6.71
CA ALA A 525 17.76 22.71 6.70
C ALA A 525 17.01 22.41 7.98
N VAL A 526 17.18 21.20 8.51
CA VAL A 526 16.57 20.85 9.79
C VAL A 526 17.17 21.71 10.90
N LYS A 527 18.47 21.95 10.85
CA LYS A 527 19.12 22.77 11.87
C LYS A 527 18.64 24.22 11.79
N ASP A 528 18.40 24.73 10.58
CA ASP A 528 17.91 26.09 10.43
C ASP A 528 16.48 26.23 10.93
N ARG A 529 15.64 25.23 10.65
CA ARG A 529 14.27 25.25 11.17
C ARG A 529 14.26 25.11 12.68
N GLN A 530 15.17 24.30 13.23
CA GLN A 530 15.28 24.17 14.68
C GLN A 530 15.62 25.51 15.32
N ARG A 531 16.59 26.23 14.74
CA ARG A 531 17.01 27.51 15.31
C ARG A 531 15.93 28.57 15.11
N ASN A 532 15.35 28.65 13.92
CA ASN A 532 14.37 29.69 13.62
C ASN A 532 13.10 29.51 14.44
N LEU A 533 12.57 28.28 14.50
CA LEU A 533 11.36 28.03 15.26
C LEU A 533 11.58 28.25 16.75
N LEU A 534 12.76 27.90 17.25
CA LEU A 534 13.05 28.09 18.67
C LEU A 534 13.01 29.57 19.07
N GLU A 535 13.41 30.46 18.16
CA GLU A 535 13.43 31.89 18.44
C GLU A 535 12.11 32.59 18.20
N THR A 536 11.22 32.02 17.37
CA THR A 536 10.01 32.72 16.97
C THR A 536 8.73 32.10 17.52
N LEU A 537 8.73 30.81 17.84
CA LEU A 537 7.51 30.19 18.32
C LEU A 537 7.23 30.61 19.76
N PRO A 538 5.98 30.86 20.11
CA PRO A 538 5.62 31.07 21.52
C PRO A 538 5.53 29.73 22.24
N SER A 539 5.49 29.82 23.57
CA SER A 539 5.29 28.62 24.36
C SER A 539 3.87 28.11 24.21
N LEU A 540 3.67 26.82 24.49
CA LEU A 540 2.33 26.25 24.42
C LEU A 540 1.38 26.96 25.38
N HIS A 541 1.86 27.27 26.59
CA HIS A 541 1.04 28.00 27.55
C HIS A 541 0.60 29.35 26.99
N GLU A 542 1.51 30.06 26.31
CA GLU A 542 1.17 31.35 25.72
C GLU A 542 0.06 31.20 24.68
N PHE A 543 0.17 30.18 23.81
CA PHE A 543 -0.86 29.98 22.80
C PHE A 543 -2.16 29.50 23.41
N LEU A 544 -2.09 28.62 24.41
CA LEU A 544 -3.30 28.13 25.05
C LEU A 544 -4.07 29.24 25.75
N ARG A 545 -3.35 30.22 26.32
CA ARG A 545 -4.00 31.33 27.00
C ARG A 545 -4.86 32.15 26.03
N GLN A 546 -4.31 32.51 24.88
CA GLN A 546 -5.07 33.30 23.92
C GLN A 546 -6.20 32.49 23.30
N GLN A 547 -6.01 31.18 23.12
CA GLN A 547 -7.05 30.36 22.50
C GLN A 547 -8.23 30.16 23.45
N HIS A 548 -7.98 29.57 24.62
CA HIS A 548 -9.04 29.23 25.55
C HIS A 548 -9.52 30.45 26.34
N SER B 22 33.95 -8.76 2.21
CA SER B 22 33.36 -7.44 2.42
C SER B 22 33.83 -6.45 1.36
N GLY B 23 33.25 -5.25 1.39
CA GLY B 23 33.48 -4.24 0.39
C GLY B 23 32.32 -4.14 -0.59
N LYS B 24 32.26 -3.00 -1.28
CA LYS B 24 31.17 -2.74 -2.21
C LYS B 24 31.33 -3.56 -3.48
N ILE B 25 30.24 -3.68 -4.24
CA ILE B 25 30.28 -4.32 -5.54
C ILE B 25 31.15 -3.48 -6.48
N ASP B 26 32.17 -4.10 -7.06
CA ASP B 26 33.09 -3.40 -7.95
C ASP B 26 32.83 -3.68 -9.42
N LYS B 27 32.60 -4.94 -9.80
CA LYS B 27 32.38 -5.32 -11.18
C LYS B 27 31.08 -6.09 -11.32
N ILE B 28 30.33 -5.80 -12.37
CA ILE B 28 29.06 -6.45 -12.66
C ILE B 28 29.12 -6.98 -14.09
N LEU B 29 28.74 -8.24 -14.26
CA LEU B 29 28.71 -8.88 -15.57
C LEU B 29 27.26 -9.19 -15.94
N ILE B 30 26.82 -8.70 -17.08
CA ILE B 30 25.49 -8.96 -17.62
C ILE B 30 25.64 -9.93 -18.77
N VAL B 31 25.00 -11.09 -18.67
CA VAL B 31 25.04 -12.11 -19.70
C VAL B 31 23.75 -12.03 -20.50
N GLY B 32 23.88 -11.72 -21.79
CA GLY B 32 22.74 -11.54 -22.66
C GLY B 32 22.56 -10.09 -23.08
N GLY B 33 22.41 -9.85 -24.38
CA GLY B 33 22.29 -8.50 -24.88
C GLY B 33 20.99 -8.21 -25.60
N GLY B 34 19.88 -8.73 -25.09
CA GLY B 34 18.58 -8.48 -25.68
C GLY B 34 17.98 -7.17 -25.19
N THR B 35 16.65 -7.15 -25.09
CA THR B 35 15.97 -5.95 -24.61
C THR B 35 16.21 -5.78 -23.11
N ALA B 36 16.06 -6.87 -22.35
CA ALA B 36 16.30 -6.82 -20.92
C ALA B 36 17.77 -6.54 -20.61
N GLY B 37 18.68 -7.13 -21.39
CA GLY B 37 20.10 -6.94 -21.13
C GLY B 37 20.53 -5.50 -21.19
N TRP B 38 20.11 -4.77 -22.23
CA TRP B 38 20.52 -3.39 -22.37
C TRP B 38 19.69 -2.44 -21.51
N MET B 39 18.52 -2.87 -21.03
CA MET B 39 17.83 -2.11 -20.00
C MET B 39 18.56 -2.22 -18.67
N ALA B 40 19.09 -3.41 -18.36
CA ALA B 40 19.87 -3.57 -17.15
C ALA B 40 21.16 -2.77 -17.21
N ALA B 41 21.86 -2.80 -18.35
CA ALA B 41 23.09 -2.04 -18.50
C ALA B 41 22.84 -0.55 -18.37
N SER B 42 21.73 -0.06 -18.94
CA SER B 42 21.43 1.36 -18.86
C SER B 42 21.00 1.76 -17.46
N TYR B 43 20.13 0.96 -16.84
CA TYR B 43 19.63 1.29 -15.50
C TYR B 43 20.75 1.19 -14.46
N LEU B 44 21.44 0.05 -14.43
CA LEU B 44 22.53 -0.12 -13.48
C LEU B 44 23.68 0.83 -13.78
N GLY B 45 23.97 1.07 -15.06
CA GLY B 45 25.00 2.03 -15.42
C GLY B 45 24.67 3.43 -14.93
N LYS B 46 23.39 3.81 -14.99
CA LYS B 46 22.99 5.12 -14.51
C LYS B 46 22.97 5.17 -12.99
N ALA B 47 22.40 4.13 -12.35
CA ALA B 47 22.26 4.13 -10.90
C ALA B 47 23.61 4.08 -10.19
N LEU B 48 24.54 3.29 -10.72
CA LEU B 48 25.85 3.10 -10.09
C LEU B 48 26.96 3.79 -10.87
N GLN B 49 26.66 4.95 -11.48
CA GLN B 49 27.63 5.60 -12.34
C GLN B 49 28.87 6.00 -11.57
N GLY B 50 30.04 5.61 -12.09
CA GLY B 50 31.31 5.93 -11.47
C GLY B 50 31.67 5.10 -10.27
N THR B 51 30.83 4.12 -9.89
CA THR B 51 31.09 3.30 -8.71
C THR B 51 31.03 1.81 -9.02
N ALA B 52 30.95 1.42 -10.29
CA ALA B 52 30.92 0.01 -10.66
C ALA B 52 31.26 -0.13 -12.13
N ASP B 53 32.10 -1.12 -12.45
CA ASP B 53 32.44 -1.44 -13.82
C ASP B 53 31.47 -2.50 -14.34
N ILE B 54 30.76 -2.17 -15.42
CA ILE B 54 29.73 -3.04 -15.98
C ILE B 54 30.16 -3.52 -17.35
N THR B 55 30.09 -4.83 -17.57
CA THR B 55 30.42 -5.45 -18.85
C THR B 55 29.25 -6.33 -19.27
N LEU B 56 28.86 -6.22 -20.54
CA LEU B 56 27.74 -6.98 -21.08
C LEU B 56 28.27 -8.00 -22.09
N LEU B 57 27.98 -9.27 -21.84
CA LEU B 57 28.34 -10.36 -22.73
C LEU B 57 27.15 -10.68 -23.64
N GLN B 58 27.35 -10.59 -24.95
CA GLN B 58 26.29 -10.82 -25.92
C GLN B 58 26.82 -11.64 -27.08
N ALA B 59 26.12 -12.73 -27.40
CA ALA B 59 26.55 -13.48 -28.57
C ALA B 59 25.61 -13.22 -29.73
N PRO B 60 26.14 -13.10 -30.95
CA PRO B 60 25.28 -12.87 -32.11
C PRO B 60 24.36 -14.07 -32.35
N ASP B 61 23.07 -13.79 -32.36
CA ASP B 61 22.03 -14.78 -32.61
C ASP B 61 21.38 -14.52 -33.96
N ILE B 62 20.60 -15.48 -34.42
CA ILE B 62 19.84 -15.31 -35.66
C ILE B 62 18.78 -14.25 -35.38
N PRO B 63 18.81 -13.11 -36.06
CA PRO B 63 17.85 -12.05 -35.77
C PRO B 63 16.43 -12.47 -36.12
N THR B 64 15.47 -11.82 -35.47
CA THR B 64 14.06 -12.10 -35.65
C THR B 64 13.34 -10.85 -36.12
N LEU B 65 12.08 -11.04 -36.53
CA LEU B 65 11.27 -9.92 -36.97
C LEU B 65 10.87 -9.04 -35.79
N GLY B 66 10.63 -7.77 -36.08
CA GLY B 66 10.10 -6.86 -35.09
C GLY B 66 8.60 -6.98 -35.00
N VAL B 67 8.12 -7.84 -34.10
CA VAL B 67 6.69 -8.11 -34.00
C VAL B 67 5.95 -7.13 -33.11
N GLY B 68 6.64 -6.14 -32.56
CA GLY B 68 5.96 -5.08 -31.83
C GLY B 68 5.92 -5.34 -30.34
N GLU B 69 5.97 -4.25 -29.57
CA GLU B 69 5.87 -4.31 -28.12
C GLU B 69 4.94 -3.20 -27.64
N ALA B 70 4.09 -3.53 -26.67
CA ALA B 70 3.22 -2.56 -26.03
C ALA B 70 3.71 -2.31 -24.61
N THR B 71 3.48 -1.10 -24.11
CA THR B 71 4.01 -0.70 -22.82
C THR B 71 2.95 -0.04 -21.94
N ILE B 72 3.38 0.49 -20.80
CA ILE B 72 2.47 1.16 -19.86
C ILE B 72 3.08 2.51 -19.51
N PRO B 73 2.25 3.46 -19.05
CA PRO B 73 2.74 4.84 -18.84
C PRO B 73 3.99 4.96 -17.97
N ASN B 74 4.18 4.10 -16.98
CA ASN B 74 5.35 4.29 -16.11
C ASN B 74 6.67 3.98 -16.81
N LEU B 75 6.64 3.55 -18.07
CA LEU B 75 7.88 3.35 -18.82
C LEU B 75 8.68 4.64 -18.90
N GLN B 76 7.99 5.77 -19.04
CA GLN B 76 8.69 7.05 -19.09
C GLN B 76 9.12 7.51 -17.69
N THR B 77 8.20 7.47 -16.73
CA THR B 77 8.48 8.04 -15.41
C THR B 77 9.40 7.16 -14.57
N ALA B 78 9.37 5.84 -14.77
CA ALA B 78 10.17 4.94 -13.96
C ALA B 78 11.47 4.49 -14.64
N PHE B 79 11.54 4.55 -15.97
CA PHE B 79 12.72 4.09 -16.69
C PHE B 79 13.41 5.24 -17.42
N PHE B 80 12.83 5.79 -18.47
CA PHE B 80 13.52 6.79 -19.28
C PHE B 80 13.79 8.07 -18.48
N ASP B 81 12.87 8.45 -17.59
CA ASP B 81 13.14 9.60 -16.73
C ASP B 81 14.31 9.32 -15.80
N PHE B 82 14.42 8.08 -15.31
CA PHE B 82 15.55 7.72 -14.46
C PHE B 82 16.86 7.84 -15.23
N LEU B 83 16.87 7.45 -16.51
CA LEU B 83 18.06 7.59 -17.33
C LEU B 83 18.32 9.03 -17.74
N GLY B 84 17.32 9.91 -17.62
CA GLY B 84 17.47 11.27 -18.08
C GLY B 84 17.26 11.45 -19.56
N ILE B 85 16.42 10.62 -20.17
CA ILE B 85 16.18 10.62 -21.61
C ILE B 85 14.76 11.15 -21.84
N PRO B 86 14.60 12.30 -22.49
CA PRO B 86 13.26 12.82 -22.74
C PRO B 86 12.45 11.90 -23.65
N GLU B 87 11.13 11.95 -23.49
CA GLU B 87 10.24 11.11 -24.29
C GLU B 87 10.45 11.33 -25.78
N ASP B 88 10.56 12.60 -26.20
CA ASP B 88 10.73 12.89 -27.62
C ASP B 88 12.02 12.31 -28.19
N GLU B 89 13.06 12.23 -27.37
CA GLU B 89 14.35 11.75 -27.87
C GLU B 89 14.29 10.28 -28.28
N TRP B 90 13.82 9.42 -27.38
CA TRP B 90 13.79 8.00 -27.68
C TRP B 90 12.62 7.62 -28.58
N MET B 91 11.53 8.39 -28.55
CA MET B 91 10.40 8.13 -29.45
C MET B 91 10.82 8.26 -30.91
N ARG B 92 11.49 9.37 -31.24
CA ARG B 92 11.85 9.62 -32.64
C ARG B 92 12.86 8.61 -33.16
N GLU B 93 13.81 8.21 -32.33
CA GLU B 93 14.83 7.25 -32.76
C GLU B 93 14.33 5.82 -32.78
N CYS B 94 13.17 5.53 -32.19
CA CYS B 94 12.62 4.19 -32.17
C CYS B 94 11.32 4.08 -32.98
N ASN B 95 10.90 5.16 -33.65
CA ASN B 95 9.71 5.18 -34.49
C ASN B 95 8.50 4.62 -33.74
N ALA B 96 8.27 5.17 -32.54
CA ALA B 96 7.23 4.68 -31.66
C ALA B 96 5.90 5.38 -31.94
N SER B 97 4.82 4.69 -31.61
CA SER B 97 3.47 5.23 -31.71
C SER B 97 2.87 5.33 -30.31
N TYR B 98 1.64 5.80 -30.24
CA TYR B 98 0.97 6.03 -28.96
C TYR B 98 -0.05 4.93 -28.68
N LYS B 99 -0.17 4.57 -27.40
CA LYS B 99 -1.11 3.56 -26.95
C LYS B 99 -1.96 4.15 -25.84
N VAL B 100 -3.28 4.13 -26.01
CA VAL B 100 -4.19 4.70 -25.03
C VAL B 100 -4.93 3.61 -24.25
N ALA B 101 -5.13 2.42 -24.82
CA ALA B 101 -5.86 1.35 -24.15
C ALA B 101 -5.61 0.06 -24.92
N ILE B 102 -6.24 -1.02 -24.44
CA ILE B 102 -6.27 -2.30 -25.12
C ILE B 102 -7.71 -2.60 -25.49
N LYS B 103 -7.94 -2.89 -26.77
CA LYS B 103 -9.29 -3.18 -27.29
C LYS B 103 -9.45 -4.70 -27.39
N PHE B 104 -10.29 -5.27 -26.54
CA PHE B 104 -10.54 -6.71 -26.52
C PHE B 104 -11.68 -7.01 -27.49
N ILE B 105 -11.37 -7.75 -28.56
CA ILE B 105 -12.31 -7.99 -29.66
C ILE B 105 -12.70 -9.45 -29.66
N ASN B 106 -14.01 -9.71 -29.74
CA ASN B 106 -14.58 -11.05 -29.94
C ASN B 106 -14.30 -11.99 -28.77
N TRP B 107 -14.16 -11.43 -27.56
CA TRP B 107 -13.96 -12.27 -26.38
C TRP B 107 -15.26 -12.80 -25.79
N ARG B 108 -16.41 -12.31 -26.26
CA ARG B 108 -17.70 -12.73 -25.72
C ARG B 108 -18.60 -13.41 -26.74
N THR B 109 -18.15 -13.57 -27.98
CA THR B 109 -18.96 -14.17 -29.03
C THR B 109 -18.21 -15.34 -29.65
N ALA B 110 -18.96 -16.39 -29.99
CA ALA B 110 -18.37 -17.57 -30.62
C ALA B 110 -18.06 -17.30 -32.08
N GLY B 111 -17.08 -18.03 -32.60
CA GLY B 111 -16.74 -17.91 -34.01
C GLY B 111 -15.26 -18.06 -34.31
N GLU B 112 -14.92 -18.01 -35.60
CA GLU B 112 -13.54 -18.13 -36.04
C GLU B 112 -12.74 -16.90 -35.63
N GLY B 113 -11.43 -16.97 -35.83
CA GLY B 113 -10.55 -15.86 -35.54
C GLY B 113 -10.57 -14.81 -36.64
N THR B 114 -11.20 -13.67 -36.37
CA THR B 114 -11.33 -12.61 -37.36
C THR B 114 -11.01 -11.27 -36.72
N SER B 115 -10.48 -10.35 -37.53
CA SER B 115 -10.15 -9.02 -37.06
C SER B 115 -11.38 -8.12 -36.93
N GLU B 116 -12.52 -8.53 -37.45
CA GLU B 116 -13.75 -7.74 -37.37
C GLU B 116 -14.54 -8.17 -36.14
N ALA B 117 -14.98 -7.18 -35.36
CA ALA B 117 -15.75 -7.47 -34.16
C ALA B 117 -17.13 -7.98 -34.55
N ARG B 118 -17.54 -9.08 -33.91
CA ARG B 118 -18.87 -9.64 -34.16
C ARG B 118 -19.94 -8.81 -33.45
N GLU B 119 -21.19 -9.06 -33.81
CA GLU B 119 -22.30 -8.32 -33.23
C GLU B 119 -22.71 -8.95 -31.90
N LEU B 120 -22.96 -8.09 -30.91
CA LEU B 120 -23.40 -8.54 -29.60
C LEU B 120 -24.33 -7.49 -29.00
N ASP B 121 -25.58 -7.89 -28.78
CA ASP B 121 -26.60 -7.02 -28.17
C ASP B 121 -26.69 -5.67 -28.89
N GLY B 122 -26.81 -5.75 -30.22
CA GLY B 122 -26.97 -4.55 -31.02
C GLY B 122 -25.73 -3.69 -31.15
N GLY B 123 -24.55 -4.27 -30.95
CA GLY B 123 -23.32 -3.53 -31.05
C GLY B 123 -22.12 -4.43 -31.26
N PRO B 124 -20.97 -3.83 -31.58
CA PRO B 124 -19.76 -4.64 -31.78
C PRO B 124 -19.28 -5.26 -30.48
N ASP B 125 -18.75 -6.48 -30.60
CA ASP B 125 -18.24 -7.22 -29.45
C ASP B 125 -16.82 -6.72 -29.14
N HIS B 126 -16.76 -5.62 -28.40
CA HIS B 126 -15.49 -5.11 -27.94
C HIS B 126 -15.69 -4.32 -26.65
N PHE B 127 -14.61 -4.23 -25.88
CA PHE B 127 -14.58 -3.40 -24.67
C PHE B 127 -13.14 -2.99 -24.43
N TYR B 128 -12.98 -1.82 -23.81
CA TYR B 128 -11.67 -1.21 -23.63
C TYR B 128 -11.17 -1.37 -22.20
N HIS B 129 -9.86 -1.54 -22.07
CA HIS B 129 -9.15 -1.42 -20.80
C HIS B 129 -8.22 -0.23 -20.96
N SER B 130 -8.60 0.91 -20.39
CA SER B 130 -7.85 2.15 -20.54
C SER B 130 -6.90 2.38 -19.38
N PHE B 131 -5.99 3.33 -19.57
CA PHE B 131 -5.10 3.74 -18.49
C PHE B 131 -5.82 4.72 -17.56
N GLY B 132 -5.17 5.03 -16.45
CA GLY B 132 -5.73 5.94 -15.47
C GLY B 132 -6.46 5.20 -14.36
N LEU B 133 -7.15 6.00 -13.54
CA LEU B 133 -7.86 5.49 -12.38
C LEU B 133 -9.29 5.99 -12.38
N LEU B 134 -10.21 5.14 -11.96
CA LEU B 134 -11.61 5.53 -11.84
C LEU B 134 -11.76 6.66 -10.83
N LYS B 135 -12.62 7.62 -11.16
CA LYS B 135 -12.84 8.75 -10.27
C LYS B 135 -13.60 8.34 -9.03
N TYR B 136 -13.22 8.90 -7.89
CA TYR B 136 -13.91 8.67 -6.63
C TYR B 136 -15.06 9.67 -6.49
N HIS B 137 -16.20 9.17 -6.03
CA HIS B 137 -17.34 9.99 -5.69
C HIS B 137 -17.81 9.57 -4.30
N GLU B 138 -17.62 10.46 -3.32
CA GLU B 138 -17.96 10.17 -1.93
C GLU B 138 -17.24 8.92 -1.42
N GLN B 139 -15.93 8.86 -1.71
CA GLN B 139 -15.01 7.82 -1.26
C GLN B 139 -15.26 6.46 -1.90
N ILE B 140 -16.07 6.40 -2.95
CA ILE B 140 -16.43 5.14 -3.60
C ILE B 140 -16.05 5.24 -5.07
N PRO B 141 -15.41 4.23 -5.66
CA PRO B 141 -15.08 4.29 -7.09
C PRO B 141 -16.34 4.39 -7.95
N LEU B 142 -16.18 5.04 -9.10
CA LEU B 142 -17.30 5.23 -10.01
C LEU B 142 -17.88 3.92 -10.50
N SER B 143 -17.07 2.85 -10.51
CA SER B 143 -17.56 1.55 -10.97
C SER B 143 -18.74 1.07 -10.13
N HIS B 144 -18.70 1.33 -8.82
CA HIS B 144 -19.80 0.91 -7.95
C HIS B 144 -21.07 1.70 -8.25
N TYR B 145 -20.95 2.96 -8.64
CA TYR B 145 -22.12 3.74 -9.00
C TYR B 145 -22.68 3.30 -10.36
N TRP B 146 -21.81 2.93 -11.29
CA TRP B 146 -22.28 2.46 -12.59
C TRP B 146 -23.10 1.17 -12.45
N PHE B 147 -22.56 0.18 -11.74
CA PHE B 147 -23.26 -1.09 -11.63
C PHE B 147 -24.56 -0.95 -10.86
N ASP B 148 -24.59 -0.08 -9.86
CA ASP B 148 -25.83 0.17 -9.13
C ASP B 148 -26.94 0.60 -10.08
N ARG B 149 -26.63 1.50 -11.02
CA ARG B 149 -27.62 1.90 -12.01
C ARG B 149 -27.92 0.76 -12.98
N SER B 150 -26.89 0.06 -13.44
CA SER B 150 -27.08 -1.03 -14.39
C SER B 150 -27.90 -2.17 -13.76
N TYR B 151 -27.61 -2.51 -12.51
CA TYR B 151 -28.33 -3.59 -11.84
C TYR B 151 -29.82 -3.29 -11.73
N ARG B 152 -30.17 -2.06 -11.36
CA ARG B 152 -31.55 -1.66 -11.20
C ARG B 152 -32.17 -1.15 -12.50
N GLY B 153 -31.57 -1.46 -13.64
CA GLY B 153 -32.13 -1.13 -14.94
C GLY B 153 -32.18 0.34 -15.27
N LYS B 154 -31.41 1.19 -14.58
CA LYS B 154 -31.39 2.60 -14.90
C LYS B 154 -30.44 2.93 -16.06
N THR B 155 -29.61 1.98 -16.48
CA THR B 155 -28.74 2.19 -17.63
C THR B 155 -28.40 0.84 -18.25
N VAL B 156 -28.07 0.88 -19.55
CA VAL B 156 -27.58 -0.27 -20.28
C VAL B 156 -26.22 -0.02 -20.90
N GLU B 157 -25.62 1.14 -20.65
CA GLU B 157 -24.32 1.46 -21.22
C GLU B 157 -23.24 0.58 -20.58
N PRO B 158 -22.31 0.06 -21.37
CA PRO B 158 -21.22 -0.74 -20.79
C PRO B 158 -20.37 0.08 -19.83
N PHE B 159 -19.64 -0.63 -18.97
CA PHE B 159 -18.85 0.02 -17.93
C PHE B 159 -17.83 0.99 -18.52
N ASP B 160 -17.09 0.55 -19.54
CA ASP B 160 -15.98 1.36 -20.04
C ASP B 160 -16.47 2.67 -20.66
N TYR B 161 -17.57 2.63 -21.41
CA TYR B 161 -18.09 3.84 -22.01
C TYR B 161 -18.74 4.76 -20.99
N ALA B 162 -19.20 4.23 -19.86
CA ALA B 162 -19.86 5.05 -18.86
C ALA B 162 -18.86 5.75 -17.94
N CYS B 163 -17.77 5.07 -17.59
CA CYS B 163 -16.84 5.57 -16.59
C CYS B 163 -15.55 6.13 -17.18
N TYR B 164 -15.24 5.82 -18.43
CA TYR B 164 -14.04 6.31 -19.09
C TYR B 164 -14.41 7.19 -20.28
N LYS B 165 -13.64 8.25 -20.49
CA LYS B 165 -13.81 9.09 -21.67
C LYS B 165 -13.06 8.53 -22.87
N GLU B 166 -12.07 7.66 -22.65
CA GLU B 166 -11.24 7.16 -23.73
C GLU B 166 -12.01 6.36 -24.79
N PRO B 167 -12.91 5.43 -24.45
CA PRO B 167 -13.55 4.61 -25.50
C PRO B 167 -14.14 5.39 -26.67
N VAL B 168 -14.72 6.56 -26.41
CA VAL B 168 -15.36 7.32 -27.49
C VAL B 168 -14.31 7.88 -28.45
N ILE B 169 -13.23 8.45 -27.92
CA ILE B 169 -12.20 9.01 -28.80
C ILE B 169 -11.35 7.92 -29.43
N LEU B 170 -11.27 6.73 -28.82
CA LEU B 170 -10.53 5.63 -29.43
C LEU B 170 -11.29 5.05 -30.62
N ASP B 171 -12.63 5.07 -30.57
CA ASP B 171 -13.42 4.62 -31.71
C ASP B 171 -13.16 5.46 -32.95
N ALA B 172 -12.70 6.71 -32.78
CA ALA B 172 -12.39 7.59 -33.90
C ALA B 172 -10.89 7.74 -34.11
N ASN B 173 -10.07 6.89 -33.48
CA ASN B 173 -8.62 6.92 -33.66
C ASN B 173 -8.03 8.29 -33.34
N ARG B 174 -8.56 8.93 -32.30
CA ARG B 174 -8.09 10.25 -31.92
C ARG B 174 -6.72 10.16 -31.24
N SER B 175 -5.98 11.26 -31.31
CA SER B 175 -4.65 11.32 -30.70
C SER B 175 -4.76 11.68 -29.21
N PRO B 176 -3.88 11.12 -28.37
CA PRO B 176 -3.91 11.49 -26.95
C PRO B 176 -3.36 12.88 -26.68
N ARG B 177 -2.82 13.56 -27.69
CA ARG B 177 -2.31 14.91 -27.54
C ARG B 177 -2.87 15.79 -28.65
N ARG B 178 -3.17 17.04 -28.30
CA ARG B 178 -3.57 18.01 -29.30
C ARG B 178 -2.36 18.43 -30.14
N LEU B 179 -2.64 19.14 -31.23
CA LEU B 179 -1.57 19.58 -32.11
C LEU B 179 -0.57 20.47 -31.39
N ASP B 180 -1.01 21.22 -30.37
CA ASP B 180 -0.11 22.05 -29.59
C ASP B 180 0.71 21.25 -28.57
N GLY B 181 0.51 19.94 -28.49
CA GLY B 181 1.29 19.09 -27.61
C GLY B 181 0.60 18.74 -26.30
N SER B 182 -0.45 19.46 -25.92
CA SER B 182 -1.11 19.21 -24.65
C SER B 182 -1.75 17.83 -24.62
N LYS B 183 -1.49 17.09 -23.54
CA LYS B 183 -1.98 15.73 -23.40
C LYS B 183 -3.33 15.73 -22.70
N VAL B 184 -4.25 14.90 -23.21
CA VAL B 184 -5.63 14.85 -22.72
C VAL B 184 -5.96 13.54 -22.04
N THR B 185 -5.02 12.60 -21.98
CA THR B 185 -5.27 11.32 -21.34
C THR B 185 -3.93 10.64 -21.08
N ASN B 186 -3.96 9.63 -20.19
CA ASN B 186 -2.78 8.82 -19.95
C ASN B 186 -2.59 7.85 -21.11
N TYR B 187 -1.34 7.70 -21.55
CA TYR B 187 -1.04 6.90 -22.72
C TYR B 187 0.29 6.18 -22.53
N ALA B 188 0.54 5.20 -23.39
CA ALA B 188 1.80 4.48 -23.43
C ALA B 188 2.28 4.49 -24.88
N TRP B 189 3.15 3.54 -25.23
CA TRP B 189 3.82 3.56 -26.52
C TRP B 189 3.81 2.18 -27.17
N HIS B 190 3.86 2.20 -28.50
CA HIS B 190 4.04 1.02 -29.33
C HIS B 190 5.34 1.17 -30.10
N PHE B 191 6.18 0.15 -30.09
CA PHE B 191 7.46 0.24 -30.79
C PHE B 191 8.02 -1.15 -31.05
N ASP B 192 9.04 -1.19 -31.89
CA ASP B 192 9.82 -2.40 -32.13
C ASP B 192 10.90 -2.49 -31.06
N ALA B 193 10.88 -3.58 -30.28
CA ALA B 193 11.83 -3.75 -29.19
C ALA B 193 13.28 -3.67 -29.69
N HIS B 194 13.53 -4.18 -30.89
CA HIS B 194 14.90 -4.19 -31.42
C HIS B 194 15.46 -2.78 -31.54
N LEU B 195 14.61 -1.81 -31.91
CA LEU B 195 15.07 -0.44 -32.03
C LEU B 195 15.38 0.17 -30.66
N VAL B 196 14.57 -0.14 -29.66
CA VAL B 196 14.82 0.38 -28.32
C VAL B 196 16.08 -0.25 -27.73
N ALA B 197 16.29 -1.54 -27.99
CA ALA B 197 17.51 -2.20 -27.53
C ALA B 197 18.76 -1.55 -28.14
N ASP B 198 18.70 -1.24 -29.44
CA ASP B 198 19.82 -0.56 -30.08
C ASP B 198 20.00 0.85 -29.54
N PHE B 199 18.89 1.55 -29.25
CA PHE B 199 18.99 2.88 -28.66
C PHE B 199 19.64 2.81 -27.29
N LEU B 200 19.23 1.84 -26.46
CA LEU B 200 19.81 1.70 -25.12
C LEU B 200 21.23 1.15 -25.19
N ARG B 201 21.54 0.33 -26.20
CA ARG B 201 22.91 -0.13 -26.38
C ARG B 201 23.86 1.04 -26.64
N ARG B 202 23.44 1.96 -27.51
CA ARG B 202 24.27 3.14 -27.77
C ARG B 202 24.36 4.02 -26.52
N PHE B 203 23.26 4.18 -25.81
CA PHE B 203 23.27 5.04 -24.61
C PHE B 203 24.18 4.46 -23.54
N ALA B 204 24.05 3.16 -23.25
CA ALA B 204 24.84 2.54 -22.20
C ALA B 204 26.33 2.58 -22.53
N THR B 205 26.69 2.26 -23.78
CA THR B 205 28.09 2.18 -24.16
C THR B 205 28.72 3.57 -24.34
N GLU B 206 27.98 4.51 -24.93
CA GLU B 206 28.55 5.82 -25.24
C GLU B 206 28.45 6.81 -24.09
N LYS B 207 27.43 6.70 -23.24
CA LYS B 207 27.24 7.66 -22.15
C LYS B 207 27.62 7.12 -20.78
N LEU B 208 27.42 5.82 -20.54
CA LEU B 208 27.61 5.26 -19.21
C LEU B 208 28.84 4.38 -19.09
N GLY B 209 29.64 4.25 -20.15
CA GLY B 209 30.88 3.50 -20.07
C GLY B 209 30.72 2.01 -19.92
N VAL B 210 29.58 1.45 -20.34
CA VAL B 210 29.38 0.01 -20.28
C VAL B 210 30.16 -0.65 -21.40
N ARG B 211 30.86 -1.74 -21.08
CA ARG B 211 31.67 -2.45 -22.05
C ARG B 211 30.85 -3.56 -22.71
N HIS B 212 30.86 -3.57 -24.05
CA HIS B 212 30.15 -4.57 -24.83
C HIS B 212 31.15 -5.57 -25.38
N VAL B 213 30.89 -6.85 -25.14
CA VAL B 213 31.75 -7.94 -25.60
C VAL B 213 30.90 -8.89 -26.44
N GLU B 214 31.31 -9.08 -27.69
CA GLU B 214 30.61 -9.99 -28.61
C GLU B 214 31.26 -11.36 -28.50
N ASP B 215 30.67 -12.24 -27.69
CA ASP B 215 31.20 -13.58 -27.52
C ASP B 215 30.10 -14.49 -26.98
N ARG B 216 30.34 -15.79 -27.10
CA ARG B 216 29.38 -16.82 -26.71
C ARG B 216 29.87 -17.52 -25.45
N VAL B 217 28.99 -17.66 -24.46
CA VAL B 217 29.36 -18.29 -23.20
C VAL B 217 29.71 -19.76 -23.44
N GLU B 218 30.87 -20.16 -22.96
CA GLU B 218 31.37 -21.53 -23.10
C GLU B 218 31.33 -22.34 -21.81
N HIS B 219 31.70 -21.73 -20.68
CA HIS B 219 31.77 -22.45 -19.42
C HIS B 219 31.59 -21.46 -18.27
N VAL B 220 30.81 -21.86 -17.28
CA VAL B 220 30.57 -21.06 -16.08
C VAL B 220 31.20 -21.78 -14.90
N GLN B 221 32.15 -21.11 -14.24
CA GLN B 221 32.89 -21.68 -13.12
C GLN B 221 32.31 -21.14 -11.82
N ARG B 222 31.91 -22.04 -10.92
CA ARG B 222 31.42 -21.67 -9.60
C ARG B 222 32.42 -22.09 -8.54
N ASP B 223 32.30 -21.46 -7.37
CA ASP B 223 33.18 -21.72 -6.25
C ASP B 223 32.55 -22.71 -5.28
N ALA B 224 33.20 -22.92 -4.14
CA ALA B 224 32.71 -23.89 -3.16
C ALA B 224 31.41 -23.46 -2.50
N ASN B 225 31.07 -22.18 -2.56
CA ASN B 225 29.82 -21.69 -1.99
C ASN B 225 28.66 -21.72 -2.99
N GLY B 226 28.89 -22.22 -4.21
CA GLY B 226 27.87 -22.23 -5.22
C GLY B 226 27.69 -20.94 -5.99
N ASN B 227 28.44 -19.90 -5.65
CA ASN B 227 28.35 -18.63 -6.36
C ASN B 227 29.18 -18.65 -7.63
N ILE B 228 28.79 -17.81 -8.58
CA ILE B 228 29.49 -17.76 -9.86
C ILE B 228 30.84 -17.09 -9.67
N GLU B 229 31.91 -17.79 -10.05
CA GLU B 229 33.25 -17.23 -9.97
C GLU B 229 33.61 -16.44 -11.22
N SER B 230 33.39 -17.01 -12.40
CA SER B 230 33.69 -16.34 -13.64
C SER B 230 32.93 -17.00 -14.78
N VAL B 231 32.96 -16.36 -15.94
CA VAL B 231 32.33 -16.88 -17.16
C VAL B 231 33.39 -16.90 -18.25
N ARG B 232 33.60 -18.06 -18.85
CA ARG B 232 34.56 -18.22 -19.95
C ARG B 232 33.80 -18.32 -21.27
N THR B 233 34.27 -17.56 -22.26
CA THR B 233 33.61 -17.50 -23.56
C THR B 233 34.24 -18.51 -24.54
N ALA B 234 33.63 -18.61 -25.71
CA ALA B 234 34.11 -19.54 -26.73
C ALA B 234 35.51 -19.19 -27.24
N THR B 235 35.92 -17.93 -27.12
CA THR B 235 37.24 -17.51 -27.56
C THR B 235 38.30 -17.69 -26.48
N GLY B 236 37.93 -18.20 -25.30
CA GLY B 236 38.87 -18.40 -24.23
C GLY B 236 38.97 -17.27 -23.23
N ARG B 237 38.24 -16.18 -23.42
CA ARG B 237 38.29 -15.07 -22.50
C ARG B 237 37.49 -15.38 -21.24
N VAL B 238 38.06 -15.01 -20.08
CA VAL B 238 37.47 -15.27 -18.78
C VAL B 238 37.03 -13.95 -18.17
N PHE B 239 35.75 -13.86 -17.81
CA PHE B 239 35.18 -12.65 -17.22
C PHE B 239 34.73 -12.96 -15.80
N ASP B 240 35.35 -12.29 -14.83
CA ASP B 240 34.98 -12.41 -13.43
C ASP B 240 34.24 -11.15 -12.98
N ALA B 241 33.40 -11.30 -11.96
CA ALA B 241 32.65 -10.18 -11.43
C ALA B 241 32.19 -10.51 -10.01
N ASP B 242 31.70 -9.48 -9.32
CA ASP B 242 31.14 -9.67 -7.98
C ASP B 242 29.65 -9.97 -8.02
N LEU B 243 28.95 -9.47 -9.04
CA LEU B 243 27.52 -9.71 -9.20
C LEU B 243 27.26 -10.00 -10.68
N PHE B 244 26.49 -11.05 -10.94
CA PHE B 244 26.17 -11.48 -12.29
C PHE B 244 24.67 -11.29 -12.54
N VAL B 245 24.34 -10.71 -13.69
CA VAL B 245 22.96 -10.45 -14.07
C VAL B 245 22.64 -11.30 -15.29
N ASP B 246 21.72 -12.25 -15.13
CA ASP B 246 21.34 -13.15 -16.21
C ASP B 246 20.24 -12.50 -17.04
N CYS B 247 20.57 -12.15 -18.28
CA CYS B 247 19.62 -11.64 -19.25
C CYS B 247 19.60 -12.50 -20.51
N SER B 248 19.89 -13.79 -20.36
CA SER B 248 20.03 -14.71 -21.48
C SER B 248 18.70 -15.25 -21.99
N GLY B 249 17.59 -14.76 -21.46
CA GLY B 249 16.29 -15.20 -21.94
C GLY B 249 15.87 -16.56 -21.38
N PHE B 250 15.01 -17.23 -22.15
CA PHE B 250 14.43 -18.50 -21.72
C PHE B 250 15.47 -19.55 -21.39
N ARG B 251 16.68 -19.44 -21.93
CA ARG B 251 17.70 -20.46 -21.67
C ARG B 251 18.14 -20.45 -20.21
N GLY B 252 18.22 -19.28 -19.60
CA GLY B 252 18.68 -19.15 -18.23
C GLY B 252 20.05 -19.75 -18.00
N LEU B 253 21.04 -19.28 -18.77
CA LEU B 253 22.38 -19.84 -18.72
C LEU B 253 22.96 -19.78 -17.31
N LEU B 254 22.67 -18.72 -16.56
CA LEU B 254 23.21 -18.56 -15.21
C LEU B 254 22.24 -19.04 -14.14
N ILE B 255 21.04 -18.46 -14.10
CA ILE B 255 20.11 -18.75 -13.01
C ILE B 255 19.64 -20.20 -13.06
N ASN B 256 19.38 -20.73 -14.26
CA ASN B 256 18.86 -22.08 -14.41
C ASN B 256 19.95 -23.11 -14.71
N LYS B 257 20.77 -22.86 -15.73
CA LYS B 257 21.78 -23.83 -16.11
C LYS B 257 22.89 -23.91 -15.06
N ALA B 258 23.53 -22.77 -14.78
CA ALA B 258 24.68 -22.77 -13.88
C ALA B 258 24.24 -22.94 -12.42
N MET B 259 23.38 -22.05 -11.93
CA MET B 259 22.96 -22.08 -10.54
C MET B 259 22.00 -23.21 -10.23
N GLU B 260 21.46 -23.88 -11.25
CA GLU B 260 20.56 -25.03 -11.06
C GLU B 260 19.30 -24.65 -10.28
N GLU B 261 18.89 -23.40 -10.34
CA GLU B 261 17.66 -22.99 -9.70
C GLU B 261 16.46 -23.49 -10.50
N PRO B 262 15.52 -24.19 -9.88
CA PRO B 262 14.38 -24.72 -10.63
C PRO B 262 13.47 -23.60 -11.16
N PHE B 263 12.85 -23.88 -12.30
CA PHE B 263 11.86 -22.99 -12.89
C PHE B 263 10.47 -23.56 -12.61
N LEU B 264 9.58 -22.71 -12.08
CA LEU B 264 8.24 -23.14 -11.69
C LEU B 264 7.29 -22.94 -12.86
N ASP B 265 6.94 -24.04 -13.51
CA ASP B 265 5.94 -23.98 -14.57
C ASP B 265 4.56 -23.73 -13.98
N MET B 266 3.85 -22.76 -14.53
CA MET B 266 2.53 -22.39 -14.03
C MET B 266 1.48 -22.52 -15.12
N SER B 267 1.59 -23.59 -15.91
CA SER B 267 0.60 -23.90 -16.94
C SER B 267 -0.71 -24.42 -16.38
N ASP B 268 -0.80 -24.58 -15.06
CA ASP B 268 -2.08 -24.90 -14.41
C ASP B 268 -2.95 -23.68 -14.23
N HIS B 269 -2.45 -22.50 -14.57
CA HIS B 269 -3.22 -21.26 -14.59
C HIS B 269 -3.29 -20.62 -15.96
N LEU B 270 -2.30 -20.87 -16.82
CA LEU B 270 -2.23 -20.27 -18.15
C LEU B 270 -1.95 -21.36 -19.16
N LEU B 271 -2.89 -21.59 -20.08
CA LEU B 271 -2.76 -22.67 -21.04
C LEU B 271 -1.91 -22.29 -22.25
N ASN B 272 -1.78 -21.00 -22.55
CA ASN B 272 -1.03 -20.57 -23.73
C ASN B 272 0.46 -20.79 -23.52
N ASP B 273 1.12 -21.40 -24.50
CA ASP B 273 2.55 -21.66 -24.41
C ASP B 273 3.29 -21.48 -25.73
N SER B 274 2.62 -21.08 -26.80
CA SER B 274 3.24 -20.96 -28.11
C SER B 274 2.73 -19.70 -28.79
N ALA B 275 3.41 -19.30 -29.87
CA ALA B 275 3.02 -18.10 -30.58
C ALA B 275 3.55 -18.15 -32.01
N VAL B 276 2.79 -17.55 -32.92
CA VAL B 276 3.19 -17.33 -34.31
C VAL B 276 2.99 -15.85 -34.59
N ALA B 277 4.06 -15.14 -34.91
CA ALA B 277 4.02 -13.70 -35.03
C ALA B 277 4.71 -13.24 -36.31
N THR B 278 4.36 -12.04 -36.74
CA THR B 278 4.92 -11.44 -37.95
C THR B 278 4.70 -9.93 -37.90
N GLN B 279 5.10 -9.25 -38.96
CA GLN B 279 4.89 -7.83 -39.12
C GLN B 279 4.21 -7.60 -40.47
N VAL B 280 3.19 -6.73 -40.47
CA VAL B 280 2.34 -6.53 -41.64
C VAL B 280 2.42 -5.07 -42.04
N PRO B 281 2.69 -4.76 -43.31
CA PRO B 281 2.67 -3.36 -43.75
C PRO B 281 1.27 -2.77 -43.62
N HIS B 282 1.22 -1.46 -43.35
CA HIS B 282 -0.04 -0.77 -43.12
C HIS B 282 -0.01 0.59 -43.79
N ASP B 283 -1.13 0.95 -44.43
CA ASP B 283 -1.28 2.24 -45.09
C ASP B 283 -1.90 3.21 -44.10
N ASP B 284 -1.04 3.97 -43.41
CA ASP B 284 -1.53 4.94 -42.43
C ASP B 284 -2.30 6.08 -43.07
N ASP B 285 -1.98 6.42 -44.33
CA ASP B 285 -2.68 7.50 -45.00
C ASP B 285 -4.12 7.11 -45.32
N ALA B 286 -4.37 5.85 -45.65
CA ALA B 286 -5.71 5.44 -46.06
C ALA B 286 -6.60 5.13 -44.86
N ASN B 287 -6.04 4.53 -43.81
CA ASN B 287 -6.84 4.02 -42.70
C ASN B 287 -6.54 4.69 -41.36
N GLY B 288 -5.54 5.54 -41.28
CA GLY B 288 -5.14 6.10 -40.00
C GLY B 288 -4.42 5.07 -39.14
N VAL B 289 -4.11 5.48 -37.92
CA VAL B 289 -3.38 4.66 -36.97
C VAL B 289 -4.24 4.50 -35.72
N GLU B 290 -4.37 3.27 -35.25
CA GLU B 290 -5.18 3.00 -34.06
C GLU B 290 -4.38 3.34 -32.81
N PRO B 291 -4.89 4.21 -31.93
CA PRO B 291 -4.16 4.55 -30.69
C PRO B 291 -4.40 3.53 -29.59
N PHE B 292 -4.34 2.25 -29.92
CA PHE B 292 -4.60 1.21 -28.95
C PHE B 292 -4.05 -0.11 -29.46
N THR B 293 -3.77 -1.01 -28.53
CA THR B 293 -3.43 -2.39 -28.85
C THR B 293 -4.71 -3.22 -28.92
N SER B 294 -4.78 -4.12 -29.89
CA SER B 294 -5.94 -4.98 -30.04
C SER B 294 -5.59 -6.38 -29.54
N ALA B 295 -6.49 -6.95 -28.75
CA ALA B 295 -6.37 -8.34 -28.27
C ALA B 295 -7.55 -9.10 -28.86
N ILE B 296 -7.31 -9.77 -29.98
CA ILE B 296 -8.38 -10.41 -30.74
C ILE B 296 -8.49 -11.86 -30.32
N ALA B 297 -9.62 -12.24 -29.74
CA ALA B 297 -9.82 -13.60 -29.30
C ALA B 297 -9.86 -14.55 -30.49
N MET B 298 -9.21 -15.70 -30.33
CA MET B 298 -9.12 -16.72 -31.37
C MET B 298 -9.79 -18.00 -30.89
N LYS B 299 -9.67 -19.06 -31.70
CA LYS B 299 -10.27 -20.33 -31.36
C LYS B 299 -9.47 -21.09 -30.30
N SER B 300 -8.15 -20.92 -30.29
CA SER B 300 -7.29 -21.61 -29.33
C SER B 300 -6.32 -20.63 -28.68
N GLY B 301 -6.75 -19.39 -28.48
CA GLY B 301 -5.90 -18.37 -27.89
C GLY B 301 -6.35 -16.98 -28.24
N TRP B 302 -5.38 -16.09 -28.52
CA TRP B 302 -5.69 -14.72 -28.88
C TRP B 302 -4.55 -14.17 -29.73
N THR B 303 -4.85 -13.11 -30.47
CA THR B 303 -3.90 -12.48 -31.37
C THR B 303 -3.75 -11.00 -30.98
N TRP B 304 -2.52 -10.53 -30.89
CA TRP B 304 -2.29 -9.12 -30.61
C TRP B 304 -2.15 -8.34 -31.92
N LYS B 305 -2.43 -7.05 -31.83
CA LYS B 305 -2.18 -6.11 -32.93
C LYS B 305 -1.61 -4.84 -32.34
N ILE B 306 -0.36 -4.54 -32.68
CA ILE B 306 0.37 -3.40 -32.14
C ILE B 306 0.66 -2.44 -33.27
N PRO B 307 -0.16 -1.41 -33.47
CA PRO B 307 0.06 -0.48 -34.58
C PRO B 307 1.34 0.32 -34.39
N MET B 308 2.10 0.46 -35.46
CA MET B 308 3.32 1.26 -35.48
C MET B 308 3.25 2.19 -36.69
N LEU B 309 4.39 2.76 -37.06
CA LEU B 309 4.46 3.72 -38.16
C LEU B 309 4.60 2.96 -39.47
N GLY B 310 3.56 3.00 -40.30
CA GLY B 310 3.58 2.34 -41.58
C GLY B 310 3.48 0.84 -41.53
N ARG B 311 3.22 0.27 -40.36
CA ARG B 311 3.15 -1.18 -40.19
C ARG B 311 2.53 -1.45 -38.82
N PHE B 312 2.14 -2.70 -38.61
CA PHE B 312 1.69 -3.14 -37.29
C PHE B 312 2.21 -4.54 -37.02
N GLY B 313 2.61 -4.79 -35.77
CA GLY B 313 3.04 -6.10 -35.36
C GLY B 313 1.86 -6.92 -34.87
N THR B 314 1.90 -8.21 -35.18
CA THR B 314 0.79 -9.10 -34.82
C THR B 314 1.33 -10.48 -34.49
N GLY B 315 0.74 -11.11 -33.48
CA GLY B 315 1.15 -12.43 -33.07
C GLY B 315 0.00 -13.23 -32.47
N TYR B 316 -0.13 -14.49 -32.89
CA TYR B 316 -1.18 -15.38 -32.40
C TYR B 316 -0.61 -16.17 -31.24
N VAL B 317 -0.99 -15.80 -30.02
CA VAL B 317 -0.64 -16.57 -28.83
C VAL B 317 -1.67 -17.66 -28.67
N TYR B 318 -1.21 -18.91 -28.66
CA TYR B 318 -2.12 -20.06 -28.63
C TYR B 318 -1.57 -21.12 -27.70
N SER B 319 -2.39 -22.14 -27.44
CA SER B 319 -2.01 -23.25 -26.58
C SER B 319 -1.72 -24.46 -27.45
N SER B 320 -0.50 -25.00 -27.32
CA SER B 320 -0.12 -26.17 -28.11
C SER B 320 -0.97 -27.40 -27.79
N ARG B 321 -1.64 -27.41 -26.65
CA ARG B 321 -2.48 -28.55 -26.29
C ARG B 321 -3.79 -28.59 -27.07
N PHE B 322 -4.18 -27.46 -27.69
CA PHE B 322 -5.44 -27.39 -28.40
C PHE B 322 -5.30 -27.00 -29.87
N ALA B 323 -4.11 -26.65 -30.33
CA ALA B 323 -3.90 -26.32 -31.73
C ALA B 323 -2.46 -26.63 -32.10
N THR B 324 -2.26 -27.35 -33.20
CA THR B 324 -0.92 -27.60 -33.68
C THR B 324 -0.35 -26.33 -34.32
N GLU B 325 0.96 -26.34 -34.53
CA GLU B 325 1.62 -25.16 -35.12
C GLU B 325 1.07 -24.86 -36.50
N ASP B 326 0.77 -25.90 -37.29
CA ASP B 326 0.22 -25.67 -38.62
C ASP B 326 -1.20 -25.10 -38.54
N GLU B 327 -1.99 -25.55 -37.57
CA GLU B 327 -3.33 -25.00 -37.40
C GLU B 327 -3.27 -23.53 -36.97
N ALA B 328 -2.32 -23.19 -36.10
CA ALA B 328 -2.19 -21.81 -35.65
C ALA B 328 -1.67 -20.91 -36.76
N VAL B 329 -0.69 -21.39 -37.53
CA VAL B 329 -0.19 -20.62 -38.66
C VAL B 329 -1.29 -20.37 -39.68
N ARG B 330 -2.13 -21.39 -39.93
CA ARG B 330 -3.23 -21.24 -40.86
C ARG B 330 -4.26 -20.24 -40.33
N GLU B 331 -4.69 -20.41 -39.08
CA GLU B 331 -5.62 -19.46 -38.48
C GLU B 331 -5.07 -18.05 -38.49
N PHE B 332 -3.78 -17.90 -38.14
CA PHE B 332 -3.18 -16.57 -38.05
C PHE B 332 -3.10 -15.90 -39.41
N CYS B 333 -2.64 -16.61 -40.43
CA CYS B 333 -2.50 -16.01 -41.75
C CYS B 333 -3.85 -15.69 -42.37
N GLU B 334 -4.84 -16.57 -42.20
CA GLU B 334 -6.14 -16.36 -42.84
C GLU B 334 -6.84 -15.13 -42.29
N MET B 335 -6.70 -14.86 -40.98
CA MET B 335 -7.35 -13.69 -40.41
C MET B 335 -6.74 -12.39 -40.92
N TRP B 336 -5.45 -12.40 -41.27
CA TRP B 336 -4.78 -11.24 -41.80
C TRP B 336 -4.58 -11.29 -43.32
N HIS B 337 -5.12 -12.32 -43.97
CA HIS B 337 -5.02 -12.50 -45.42
C HIS B 337 -3.55 -12.51 -45.86
N LEU B 338 -2.76 -13.37 -45.23
CA LEU B 338 -1.35 -13.54 -45.54
C LEU B 338 -1.11 -14.89 -46.18
N ASP B 339 -0.01 -14.98 -46.93
CA ASP B 339 0.38 -16.22 -47.59
C ASP B 339 1.24 -17.03 -46.64
N PRO B 340 0.76 -18.16 -46.11
CA PRO B 340 1.59 -18.96 -45.18
C PRO B 340 2.87 -19.49 -45.80
N GLU B 341 3.00 -19.46 -47.13
CA GLU B 341 4.18 -19.98 -47.79
C GLU B 341 5.24 -18.92 -48.06
N THR B 342 4.88 -17.64 -48.01
CA THR B 342 5.81 -16.56 -48.28
C THR B 342 5.94 -15.54 -47.16
N GLN B 343 4.95 -15.44 -46.28
CA GLN B 343 5.01 -14.46 -45.20
C GLN B 343 6.10 -14.84 -44.21
N PRO B 344 6.99 -13.92 -43.86
CA PRO B 344 7.98 -14.19 -42.81
C PRO B 344 7.28 -14.37 -41.46
N LEU B 345 7.53 -15.49 -40.81
CA LEU B 345 6.84 -15.84 -39.57
C LEU B 345 7.85 -16.22 -38.50
N ASN B 346 7.55 -15.86 -37.25
CA ASN B 346 8.33 -16.25 -36.09
C ASN B 346 7.51 -17.24 -35.27
N ARG B 347 8.00 -18.47 -35.14
CA ARG B 347 7.33 -19.52 -34.39
C ARG B 347 8.05 -19.72 -33.06
N ILE B 348 7.34 -19.46 -31.97
CA ILE B 348 7.93 -19.41 -30.64
C ILE B 348 7.21 -20.40 -29.73
N ARG B 349 7.97 -21.02 -28.82
CA ARG B 349 7.42 -21.90 -27.79
C ARG B 349 8.01 -21.44 -26.45
N PHE B 350 7.24 -20.66 -25.70
CA PHE B 350 7.76 -20.07 -24.47
C PHE B 350 7.45 -20.93 -23.25
N ARG B 351 8.17 -20.64 -22.17
CA ARG B 351 7.93 -21.24 -20.86
C ARG B 351 7.15 -20.25 -20.01
N VAL B 352 6.00 -20.68 -19.52
CA VAL B 352 5.11 -19.84 -18.73
C VAL B 352 5.35 -20.13 -17.25
N GLY B 353 5.65 -19.08 -16.49
CA GLY B 353 5.93 -19.23 -15.07
C GLY B 353 7.07 -18.36 -14.59
N ARG B 354 7.75 -18.78 -13.53
CA ARG B 354 8.84 -18.01 -12.97
C ARG B 354 9.81 -18.96 -12.27
N ASN B 355 11.02 -18.46 -12.02
CA ASN B 355 11.98 -19.21 -11.22
C ASN B 355 11.49 -19.31 -9.77
N ARG B 356 11.93 -20.36 -9.09
CA ARG B 356 11.65 -20.49 -7.67
C ARG B 356 12.19 -19.29 -6.90
N ARG B 357 13.35 -18.80 -7.29
CA ARG B 357 13.94 -17.59 -6.75
C ARG B 357 14.59 -16.82 -7.89
N ALA B 358 14.25 -15.53 -8.01
CA ALA B 358 14.82 -14.73 -9.09
C ALA B 358 16.30 -14.44 -8.86
N TRP B 359 16.73 -14.38 -7.60
CA TRP B 359 18.09 -14.03 -7.24
C TRP B 359 18.63 -15.12 -6.33
N VAL B 360 19.70 -15.79 -6.76
CA VAL B 360 20.33 -16.85 -5.99
C VAL B 360 21.83 -16.57 -5.94
N GLY B 361 22.39 -16.56 -4.73
CA GLY B 361 23.81 -16.30 -4.58
C GLY B 361 24.15 -14.91 -5.07
N ASN B 362 25.06 -14.85 -6.05
CA ASN B 362 25.44 -13.60 -6.70
C ASN B 362 24.95 -13.53 -8.14
N CYS B 363 23.83 -14.20 -8.42
CA CYS B 363 23.27 -14.28 -9.76
C CYS B 363 21.83 -13.77 -9.71
N VAL B 364 21.58 -12.65 -10.38
CA VAL B 364 20.27 -12.01 -10.42
C VAL B 364 19.70 -12.18 -11.83
N SER B 365 18.52 -12.78 -11.93
CA SER B 365 17.87 -12.99 -13.22
C SER B 365 16.97 -11.80 -13.54
N ILE B 366 17.10 -11.28 -14.76
CA ILE B 366 16.32 -10.13 -15.23
C ILE B 366 15.78 -10.46 -16.61
N GLY B 367 14.48 -10.23 -16.80
CA GLY B 367 13.86 -10.51 -18.09
C GLY B 367 13.19 -11.87 -18.13
N THR B 368 13.11 -12.46 -19.33
CA THR B 368 12.47 -13.76 -19.48
C THR B 368 13.28 -14.88 -18.85
N SER B 369 14.53 -14.63 -18.46
CA SER B 369 15.27 -15.60 -17.67
C SER B 369 14.69 -15.74 -16.27
N SER B 370 14.00 -14.71 -15.78
CA SER B 370 13.37 -14.73 -14.47
C SER B 370 11.94 -15.27 -14.53
N CYS B 371 11.13 -14.73 -15.43
CA CYS B 371 9.72 -15.11 -15.52
C CYS B 371 9.19 -14.69 -16.89
N PHE B 372 8.05 -15.27 -17.26
CA PHE B 372 7.39 -14.87 -18.49
C PHE B 372 5.91 -15.18 -18.42
N VAL B 373 5.11 -14.29 -18.99
CA VAL B 373 3.67 -14.47 -19.17
C VAL B 373 3.30 -13.83 -20.49
N GLU B 374 2.26 -14.36 -21.13
CA GLU B 374 1.83 -13.84 -22.42
C GLU B 374 1.57 -12.34 -22.34
N PRO B 375 1.89 -11.58 -23.40
CA PRO B 375 1.78 -10.12 -23.32
C PRO B 375 0.35 -9.61 -23.43
N LEU B 376 -0.59 -10.27 -22.75
CA LEU B 376 -1.99 -9.87 -22.83
C LEU B 376 -2.23 -8.51 -22.21
N GLU B 377 -1.43 -8.12 -21.21
CA GLU B 377 -1.62 -6.84 -20.53
C GLU B 377 -0.35 -6.00 -20.51
N SER B 378 0.53 -6.20 -21.50
CA SER B 378 1.69 -5.33 -21.73
C SER B 378 2.55 -5.22 -20.48
N THR B 379 2.96 -6.37 -19.94
CA THR B 379 3.78 -6.41 -18.74
C THR B 379 5.22 -6.85 -18.98
N GLY B 380 5.56 -7.24 -20.20
CA GLY B 380 6.89 -7.72 -20.51
C GLY B 380 8.02 -6.79 -20.16
N ILE B 381 8.02 -5.59 -20.74
CA ILE B 381 9.09 -4.64 -20.47
C ILE B 381 9.00 -4.09 -19.06
N TYR B 382 7.78 -3.93 -18.54
CA TYR B 382 7.62 -3.47 -17.15
C TYR B 382 8.35 -4.38 -16.19
N PHE B 383 8.28 -5.71 -16.39
CA PHE B 383 8.95 -6.64 -15.51
C PHE B 383 10.45 -6.39 -15.43
N VAL B 384 11.05 -5.88 -16.51
CA VAL B 384 12.49 -5.67 -16.53
C VAL B 384 12.88 -4.52 -15.60
N TYR B 385 12.35 -3.32 -15.87
CA TYR B 385 12.76 -2.18 -15.07
C TYR B 385 12.08 -2.14 -13.70
N ALA B 386 11.00 -2.89 -13.51
CA ALA B 386 10.48 -3.06 -12.16
C ALA B 386 11.41 -3.92 -11.32
N ALA B 387 11.96 -4.99 -11.91
CA ALA B 387 12.94 -5.81 -11.21
C ALA B 387 14.24 -5.04 -11.00
N LEU B 388 14.67 -4.28 -12.01
CA LEU B 388 15.86 -3.46 -11.87
C LEU B 388 15.68 -2.41 -10.78
N TYR B 389 14.46 -1.89 -10.65
CA TYR B 389 14.18 -0.95 -9.56
C TYR B 389 14.28 -1.62 -8.21
N GLN B 390 13.75 -2.84 -8.09
CA GLN B 390 13.85 -3.57 -6.83
C GLN B 390 15.27 -4.05 -6.57
N LEU B 391 16.04 -4.31 -7.63
CA LEU B 391 17.43 -4.73 -7.45
C LEU B 391 18.27 -3.61 -6.85
N VAL B 392 18.11 -2.38 -7.36
CA VAL B 392 18.85 -1.25 -6.82
C VAL B 392 18.42 -0.96 -5.39
N LYS B 393 17.11 -1.08 -5.10
CA LYS B 393 16.63 -0.83 -3.75
C LYS B 393 17.18 -1.86 -2.78
N HIS B 394 17.34 -3.10 -3.23
CA HIS B 394 17.91 -4.17 -2.40
C HIS B 394 19.37 -4.47 -2.77
N PHE B 395 20.10 -3.46 -3.25
CA PHE B 395 21.44 -3.69 -3.76
C PHE B 395 22.37 -4.17 -2.65
N PRO B 396 23.14 -5.23 -2.87
CA PRO B 396 24.00 -5.75 -1.80
C PRO B 396 25.43 -5.24 -1.90
N ASP B 397 26.26 -5.65 -0.96
CA ASP B 397 27.71 -5.52 -1.06
C ASP B 397 28.29 -6.91 -1.31
N LYS B 398 29.61 -7.03 -1.19
CA LYS B 398 30.26 -8.31 -1.46
C LYS B 398 29.83 -9.39 -0.47
N SER B 399 29.30 -9.02 0.69
CA SER B 399 28.87 -10.01 1.66
C SER B 399 27.58 -10.71 1.25
N LEU B 400 26.81 -10.12 0.34
CA LEU B 400 25.55 -10.69 -0.14
C LEU B 400 24.62 -11.06 1.01
N ASN B 401 24.19 -10.03 1.72
CA ASN B 401 23.30 -10.18 2.87
C ASN B 401 22.05 -10.95 2.47
N PRO B 402 21.75 -12.07 3.12
CA PRO B 402 20.59 -12.89 2.70
C PRO B 402 19.27 -12.18 2.81
N VAL B 403 19.15 -11.18 3.71
CA VAL B 403 17.88 -10.47 3.85
C VAL B 403 17.55 -9.69 2.59
N LEU B 404 18.57 -9.09 1.97
CA LEU B 404 18.35 -8.34 0.73
C LEU B 404 17.89 -9.27 -0.39
N THR B 405 18.52 -10.44 -0.53
CA THR B 405 18.16 -11.38 -1.57
C THR B 405 16.75 -11.93 -1.36
N ALA B 406 16.43 -12.30 -0.13
CA ALA B 406 15.10 -12.88 0.15
C ALA B 406 13.99 -11.87 -0.12
N ARG B 407 14.19 -10.61 0.28
CA ARG B 407 13.14 -9.61 0.04
C ARG B 407 12.98 -9.31 -1.43
N PHE B 408 14.08 -9.26 -2.18
CA PHE B 408 13.98 -9.07 -3.63
C PHE B 408 13.19 -10.19 -4.28
N ASN B 409 13.51 -11.43 -3.92
CA ASN B 409 12.78 -12.58 -4.46
C ASN B 409 11.30 -12.51 -4.09
N ARG B 410 10.99 -11.95 -2.92
CA ARG B 410 9.59 -11.82 -2.52
C ARG B 410 8.86 -10.82 -3.41
N GLU B 411 9.48 -9.67 -3.70
CA GLU B 411 8.84 -8.68 -4.55
C GLU B 411 8.63 -9.19 -5.97
N ILE B 412 9.61 -9.92 -6.51
CA ILE B 412 9.49 -10.45 -7.85
C ILE B 412 8.36 -11.49 -7.94
N GLU B 413 8.29 -12.39 -6.96
CA GLU B 413 7.25 -13.42 -7.01
C GLU B 413 5.86 -12.81 -6.89
N THR B 414 5.70 -11.77 -6.07
CA THR B 414 4.40 -11.12 -5.96
C THR B 414 4.08 -10.34 -7.23
N MET B 415 5.08 -9.67 -7.81
CA MET B 415 4.87 -8.93 -9.05
C MET B 415 4.35 -9.86 -10.16
N PHE B 416 4.93 -11.04 -10.29
CA PHE B 416 4.52 -11.97 -11.34
C PHE B 416 3.22 -12.68 -10.99
N ASP B 417 3.13 -13.24 -9.78
CA ASP B 417 1.96 -14.04 -9.42
C ASP B 417 0.68 -13.21 -9.49
N ASP B 418 0.74 -11.94 -9.09
CA ASP B 418 -0.43 -11.07 -9.23
C ASP B 418 -0.79 -10.88 -10.71
N THR B 419 0.21 -10.74 -11.58
CA THR B 419 -0.05 -10.62 -13.00
C THR B 419 -0.59 -11.92 -13.58
N ARG B 420 -0.01 -13.05 -13.17
CA ARG B 420 -0.50 -14.36 -13.62
C ARG B 420 -1.99 -14.54 -13.30
N ASP B 421 -2.38 -14.24 -12.07
CA ASP B 421 -3.78 -14.36 -11.68
C ASP B 421 -4.67 -13.45 -12.52
N PHE B 422 -4.22 -12.23 -12.78
CA PHE B 422 -5.01 -11.29 -13.57
C PHE B 422 -5.17 -11.76 -15.00
N ILE B 423 -4.10 -12.28 -15.60
CA ILE B 423 -4.16 -12.76 -16.98
C ILE B 423 -5.13 -13.94 -17.08
N GLN B 424 -5.08 -14.85 -16.11
CA GLN B 424 -5.96 -16.01 -16.14
C GLN B 424 -7.43 -15.60 -16.11
N ALA B 425 -7.75 -14.52 -15.39
CA ALA B 425 -9.14 -14.07 -15.33
C ALA B 425 -9.69 -13.68 -16.68
N HIS B 426 -8.82 -13.27 -17.62
CA HIS B 426 -9.28 -12.93 -18.96
C HIS B 426 -9.90 -14.14 -19.65
N PHE B 427 -9.31 -15.32 -19.46
CA PHE B 427 -9.83 -16.55 -20.08
C PHE B 427 -10.85 -17.24 -19.19
N TYR B 428 -10.64 -17.22 -17.88
CA TYR B 428 -11.51 -17.94 -16.96
C TYR B 428 -12.93 -17.38 -16.99
N PHE B 429 -13.09 -16.06 -17.14
CA PHE B 429 -14.38 -15.42 -17.10
C PHE B 429 -14.91 -15.03 -18.47
N SER B 430 -14.29 -15.52 -19.54
CA SER B 430 -14.86 -15.32 -20.86
C SER B 430 -16.09 -16.21 -21.03
N PRO B 431 -17.18 -15.68 -21.57
CA PRO B 431 -18.39 -16.49 -21.74
C PRO B 431 -18.33 -17.48 -22.90
N ARG B 432 -17.26 -17.43 -23.71
CA ARG B 432 -17.17 -18.31 -24.87
C ARG B 432 -17.05 -19.77 -24.45
N THR B 433 -17.76 -20.65 -25.18
CA THR B 433 -17.71 -22.08 -24.93
C THR B 433 -17.67 -22.88 -26.23
N ASP B 434 -17.31 -22.25 -27.34
CA ASP B 434 -17.47 -22.88 -28.65
C ASP B 434 -16.30 -23.79 -29.03
N THR B 435 -15.15 -23.66 -28.40
CA THR B 435 -13.98 -24.46 -28.71
C THR B 435 -13.46 -25.13 -27.45
N PRO B 436 -12.72 -26.23 -27.59
CA PRO B 436 -12.14 -26.89 -26.41
C PRO B 436 -11.24 -25.97 -25.60
N PHE B 437 -10.59 -25.00 -26.25
CA PHE B 437 -9.72 -24.07 -25.52
C PHE B 437 -10.50 -23.26 -24.50
N TRP B 438 -11.54 -22.56 -24.96
CA TRP B 438 -12.31 -21.72 -24.06
C TRP B 438 -13.05 -22.53 -23.00
N ARG B 439 -13.47 -23.75 -23.34
CA ARG B 439 -14.12 -24.61 -22.35
C ARG B 439 -13.12 -25.08 -21.30
N ALA B 440 -11.89 -25.40 -21.71
CA ALA B 440 -10.90 -25.88 -20.75
C ALA B 440 -10.47 -24.80 -19.78
N ASN B 441 -10.41 -23.55 -20.23
CA ASN B 441 -10.02 -22.46 -19.35
C ASN B 441 -10.94 -22.38 -18.13
N LYS B 442 -12.22 -22.70 -18.32
CA LYS B 442 -13.16 -22.69 -17.21
C LYS B 442 -12.95 -23.88 -16.27
N GLU B 443 -12.22 -24.91 -16.71
CA GLU B 443 -11.97 -26.07 -15.87
C GLU B 443 -10.74 -25.91 -14.99
N LEU B 444 -9.95 -24.87 -15.19
CA LEU B 444 -8.82 -24.60 -14.32
C LEU B 444 -9.27 -23.95 -13.02
N ARG B 445 -8.37 -23.93 -12.04
CA ARG B 445 -8.64 -23.35 -10.73
C ARG B 445 -7.89 -22.04 -10.59
N LEU B 446 -8.58 -21.03 -10.04
CA LEU B 446 -7.95 -19.77 -9.73
C LEU B 446 -7.13 -19.89 -8.45
N ALA B 447 -6.05 -19.11 -8.37
CA ALA B 447 -5.25 -19.08 -7.16
C ALA B 447 -6.09 -18.54 -6.00
N ASP B 448 -5.73 -18.97 -4.78
CA ASP B 448 -6.47 -18.56 -3.60
C ASP B 448 -6.53 -17.03 -3.49
N GLY B 449 -5.43 -16.35 -3.78
CA GLY B 449 -5.45 -14.90 -3.77
C GLY B 449 -6.38 -14.32 -4.82
N MET B 450 -6.44 -14.96 -5.99
CA MET B 450 -7.34 -14.48 -7.04
C MET B 450 -8.79 -14.82 -6.72
N GLN B 451 -9.04 -16.01 -6.18
CA GLN B 451 -10.40 -16.39 -5.82
C GLN B 451 -10.96 -15.49 -4.74
N GLU B 452 -10.12 -15.07 -3.79
CA GLU B 452 -10.56 -14.14 -2.76
C GLU B 452 -10.91 -12.78 -3.37
N LYS B 453 -10.14 -12.34 -4.37
CA LYS B 453 -10.45 -11.09 -5.05
C LYS B 453 -11.80 -11.16 -5.77
N ILE B 454 -12.07 -12.29 -6.43
CA ILE B 454 -13.35 -12.44 -7.13
C ILE B 454 -14.50 -12.50 -6.13
N ASP B 455 -14.28 -13.13 -4.97
CA ASP B 455 -15.29 -13.15 -3.92
C ASP B 455 -15.63 -11.73 -3.46
N MET B 456 -14.60 -10.90 -3.25
CA MET B 456 -14.83 -9.50 -2.90
C MET B 456 -15.60 -8.79 -4.01
N TYR B 457 -15.20 -9.01 -5.26
CA TYR B 457 -15.86 -8.39 -6.40
C TYR B 457 -17.34 -8.73 -6.44
N ARG B 458 -17.66 -10.02 -6.26
CA ARG B 458 -19.06 -10.45 -6.28
C ARG B 458 -19.85 -9.84 -5.14
N ALA B 459 -19.18 -9.52 -4.03
CA ALA B 459 -19.84 -8.90 -2.88
C ALA B 459 -20.00 -7.39 -3.03
N GLY B 460 -19.64 -6.83 -4.17
CA GLY B 460 -19.74 -5.40 -4.39
C GLY B 460 -18.55 -4.57 -3.93
N MET B 461 -17.51 -5.22 -3.41
CA MET B 461 -16.33 -4.49 -2.95
C MET B 461 -15.41 -4.16 -4.12
N ALA B 462 -14.59 -3.13 -3.91
CA ALA B 462 -13.51 -2.82 -4.83
C ALA B 462 -12.35 -3.77 -4.58
N ILE B 463 -11.55 -3.99 -5.62
CA ILE B 463 -10.37 -4.85 -5.55
C ILE B 463 -9.14 -3.97 -5.66
N ASN B 464 -8.41 -3.84 -4.55
CA ASN B 464 -7.20 -3.02 -4.50
C ASN B 464 -7.49 -1.60 -5.01
N ALA B 465 -8.48 -0.97 -4.41
CA ALA B 465 -8.86 0.37 -4.80
C ALA B 465 -7.67 1.32 -4.65
N PRO B 466 -7.46 2.25 -5.57
CA PRO B 466 -6.33 3.17 -5.45
C PRO B 466 -6.50 4.08 -4.24
N ALA B 467 -5.36 4.39 -3.60
CA ALA B 467 -5.39 5.31 -2.46
C ALA B 467 -5.91 6.68 -2.88
N SER B 468 -5.63 7.09 -4.11
CA SER B 468 -6.13 8.35 -4.65
C SER B 468 -6.50 8.13 -6.11
N ASP B 469 -7.43 8.95 -6.61
CA ASP B 469 -7.78 8.93 -8.02
C ASP B 469 -6.93 9.89 -8.84
N ASP B 470 -5.85 10.42 -8.27
CA ASP B 470 -4.93 11.30 -8.98
C ASP B 470 -3.96 10.43 -9.78
N ALA B 471 -4.15 10.39 -11.10
CA ALA B 471 -3.28 9.58 -11.94
C ALA B 471 -1.86 10.11 -11.97
N GLN B 472 -1.68 11.43 -11.78
CA GLN B 472 -0.34 12.01 -11.77
C GLN B 472 0.47 11.48 -10.59
N LEU B 473 -0.15 11.39 -9.41
CA LEU B 473 0.53 10.78 -8.28
C LEU B 473 0.79 9.29 -8.53
N TYR B 474 -0.20 8.59 -9.10
CA TYR B 474 -0.08 7.17 -9.38
C TYR B 474 1.09 6.90 -10.33
N TYR B 475 1.02 7.43 -11.55
CA TYR B 475 2.05 7.18 -12.55
C TYR B 475 3.32 7.98 -12.32
N GLY B 476 3.33 8.92 -11.37
CA GLY B 476 4.50 9.72 -11.11
C GLY B 476 5.34 9.21 -9.97
N ASN B 477 4.79 8.28 -9.18
CA ASN B 477 5.47 7.71 -8.02
C ASN B 477 5.46 6.19 -8.19
N PHE B 478 6.62 5.64 -8.59
CA PHE B 478 6.70 4.20 -8.83
C PHE B 478 6.38 3.40 -7.58
N GLU B 479 6.81 3.89 -6.41
CA GLU B 479 6.49 3.21 -5.16
C GLU B 479 4.98 3.19 -4.93
N GLU B 480 4.31 4.31 -5.20
CA GLU B 480 2.85 4.35 -5.07
C GLU B 480 2.20 3.35 -6.01
N GLU B 481 2.68 3.27 -7.25
CA GLU B 481 2.08 2.36 -8.23
C GLU B 481 2.46 0.91 -7.97
N PHE B 482 3.71 0.64 -7.62
CA PHE B 482 4.15 -0.75 -7.42
C PHE B 482 3.36 -1.42 -6.31
N ARG B 483 3.01 -0.67 -5.26
CA ARG B 483 2.21 -1.22 -4.17
C ARG B 483 0.74 -1.39 -4.57
N ASN B 484 0.32 -0.86 -5.70
CA ASN B 484 -1.06 -0.91 -6.13
C ASN B 484 -1.11 -1.03 -7.65
N PHE B 485 -0.33 -1.98 -8.20
CA PHE B 485 -0.19 -2.09 -9.65
C PHE B 485 -1.50 -2.47 -10.31
N TRP B 486 -2.12 -3.55 -9.85
CA TRP B 486 -3.43 -3.97 -10.35
C TRP B 486 -4.48 -3.42 -9.39
N ASN B 487 -5.09 -2.31 -9.77
CA ASN B 487 -6.04 -1.60 -8.93
C ASN B 487 -7.47 -1.84 -9.43
N ASN B 488 -8.43 -1.29 -8.69
CA ASN B 488 -9.85 -1.53 -8.98
C ASN B 488 -10.23 -1.18 -10.41
N SER B 489 -9.63 -0.11 -10.96
CA SER B 489 -9.95 0.28 -12.33
C SER B 489 -9.63 -0.83 -13.32
N ASN B 490 -8.47 -1.47 -13.16
CA ASN B 490 -8.08 -2.54 -14.07
C ASN B 490 -9.01 -3.75 -13.96
N TYR B 491 -9.34 -4.15 -12.73
CA TYR B 491 -10.19 -5.32 -12.54
C TYR B 491 -11.58 -5.11 -13.12
N TYR B 492 -12.15 -3.91 -12.93
CA TYR B 492 -13.49 -3.67 -13.45
C TYR B 492 -13.49 -3.62 -14.97
N CYS B 493 -12.44 -3.03 -15.58
CA CYS B 493 -12.37 -2.98 -17.03
C CYS B 493 -12.42 -4.39 -17.63
N VAL B 494 -11.67 -5.33 -17.05
CA VAL B 494 -11.60 -6.67 -17.61
C VAL B 494 -12.79 -7.50 -17.19
N LEU B 495 -13.12 -7.52 -15.90
CA LEU B 495 -14.19 -8.38 -15.40
C LEU B 495 -15.55 -7.94 -15.93
N ALA B 496 -15.90 -6.67 -15.73
CA ALA B 496 -17.17 -6.18 -16.26
C ALA B 496 -17.19 -6.18 -17.78
N GLY B 497 -16.05 -5.95 -18.42
CA GLY B 497 -15.99 -6.03 -19.86
C GLY B 497 -16.35 -7.42 -20.38
N LEU B 498 -15.84 -8.46 -19.72
CA LEU B 498 -16.14 -9.83 -20.12
C LEU B 498 -17.54 -10.26 -19.72
N GLY B 499 -18.18 -9.55 -18.80
CA GLY B 499 -19.52 -9.85 -18.37
C GLY B 499 -19.67 -10.22 -16.90
N LEU B 500 -18.58 -10.34 -16.16
CA LEU B 500 -18.66 -10.67 -14.74
C LEU B 500 -19.00 -9.41 -13.95
N VAL B 501 -20.12 -9.44 -13.25
CA VAL B 501 -20.57 -8.30 -12.45
C VAL B 501 -20.92 -8.80 -11.06
N PRO B 502 -20.95 -7.91 -10.06
CA PRO B 502 -21.30 -8.34 -8.70
C PRO B 502 -22.69 -8.93 -8.64
N ASP B 503 -22.93 -9.72 -7.59
CA ASP B 503 -24.25 -10.32 -7.40
C ASP B 503 -25.30 -9.26 -7.07
N ALA B 504 -24.87 -8.15 -6.49
CA ALA B 504 -25.77 -7.07 -6.10
C ALA B 504 -24.93 -5.81 -5.89
N PRO B 505 -25.55 -4.63 -5.96
CA PRO B 505 -24.79 -3.40 -5.73
C PRO B 505 -24.20 -3.36 -4.33
N SER B 506 -23.20 -2.51 -4.15
CA SER B 506 -22.54 -2.34 -2.86
C SER B 506 -23.59 -1.94 -1.81
N PRO B 507 -23.74 -2.69 -0.72
CA PRO B 507 -24.82 -2.39 0.23
C PRO B 507 -24.75 -1.00 0.85
N ARG B 508 -23.58 -0.36 0.84
CA ARG B 508 -23.47 0.97 1.43
C ARG B 508 -24.11 2.05 0.55
N LEU B 509 -24.36 1.77 -0.74
CA LEU B 509 -24.97 2.77 -1.60
C LEU B 509 -26.43 3.01 -1.23
N ALA B 510 -27.12 1.99 -0.71
CA ALA B 510 -28.49 2.16 -0.27
C ALA B 510 -28.60 3.10 0.93
N HIS B 511 -27.48 3.39 1.59
CA HIS B 511 -27.44 4.32 2.71
C HIS B 511 -26.87 5.67 2.31
N MET B 512 -26.66 5.92 1.02
CA MET B 512 -26.08 7.16 0.52
C MET B 512 -26.96 7.76 -0.57
N PRO B 513 -28.19 8.18 -0.22
CA PRO B 513 -29.09 8.72 -1.25
C PRO B 513 -28.56 9.99 -1.89
N GLN B 514 -27.84 10.83 -1.15
CA GLN B 514 -27.27 12.04 -1.73
C GLN B 514 -26.13 11.72 -2.68
N ALA B 515 -25.35 10.68 -2.38
CA ALA B 515 -24.24 10.32 -3.26
C ALA B 515 -24.73 9.73 -4.57
N THR B 516 -25.72 8.83 -4.51
CA THR B 516 -26.26 8.24 -5.73
C THR B 516 -27.03 9.25 -6.57
N GLU B 517 -27.41 10.39 -5.98
CA GLU B 517 -28.11 11.43 -6.71
C GLU B 517 -27.16 12.44 -7.31
N SER B 518 -26.12 12.84 -6.56
CA SER B 518 -25.13 13.78 -7.08
C SER B 518 -24.18 13.12 -8.08
N VAL B 519 -24.13 11.79 -8.14
CA VAL B 519 -23.28 11.11 -9.10
C VAL B 519 -23.72 11.33 -10.53
N ASP B 520 -24.93 11.86 -10.75
CA ASP B 520 -25.38 12.21 -12.09
C ASP B 520 -24.41 13.15 -12.78
N GLU B 521 -23.85 14.10 -12.03
CA GLU B 521 -22.90 15.04 -12.62
C GLU B 521 -21.56 14.41 -12.91
N VAL B 522 -21.21 13.33 -12.21
CA VAL B 522 -19.94 12.65 -12.50
C VAL B 522 -20.02 11.93 -13.83
N PHE B 523 -21.12 11.22 -14.08
CA PHE B 523 -21.30 10.56 -15.37
C PHE B 523 -21.50 11.58 -16.49
N GLY B 524 -22.14 12.71 -16.19
CA GLY B 524 -22.30 13.75 -17.19
C GLY B 524 -20.99 14.42 -17.56
N ALA B 525 -20.06 14.50 -16.60
CA ALA B 525 -18.75 15.08 -16.90
C ALA B 525 -17.98 14.21 -17.87
N VAL B 526 -18.07 12.88 -17.72
CA VAL B 526 -17.43 11.98 -18.67
C VAL B 526 -18.07 12.12 -20.05
N LYS B 527 -19.39 12.27 -20.09
CA LYS B 527 -20.07 12.45 -21.38
C LYS B 527 -19.67 13.76 -22.04
N ASP B 528 -19.48 14.82 -21.25
CA ASP B 528 -19.07 16.09 -21.84
C ASP B 528 -17.64 16.03 -22.36
N ARG B 529 -16.75 15.37 -21.63
CA ARG B 529 -15.38 15.19 -22.12
C ARG B 529 -15.34 14.28 -23.34
N GLN B 530 -16.20 13.26 -23.37
CA GLN B 530 -16.28 12.40 -24.54
C GLN B 530 -16.68 13.20 -25.78
N ARG B 531 -17.68 14.06 -25.64
CA ARG B 531 -18.15 14.86 -26.78
C ARG B 531 -17.13 15.91 -27.18
N ASN B 532 -16.54 16.61 -26.20
CA ASN B 532 -15.61 17.69 -26.51
C ASN B 532 -14.33 17.16 -27.15
N LEU B 533 -13.75 16.11 -26.58
CA LEU B 533 -12.52 15.56 -27.14
C LEU B 533 -12.75 14.93 -28.51
N LEU B 534 -13.91 14.29 -28.70
CA LEU B 534 -14.21 13.69 -30.00
C LEU B 534 -14.29 14.73 -31.10
N GLU B 535 -14.76 15.93 -30.77
CA GLU B 535 -14.96 16.97 -31.76
C GLU B 535 -13.72 17.82 -32.01
N THR B 536 -12.77 17.85 -31.05
CA THR B 536 -11.63 18.75 -31.13
C THR B 536 -10.29 18.05 -31.30
N LEU B 537 -10.16 16.80 -30.90
CA LEU B 537 -8.88 16.11 -31.01
C LEU B 537 -8.57 15.76 -32.46
N PRO B 538 -7.33 15.89 -32.89
CA PRO B 538 -6.95 15.37 -34.21
C PRO B 538 -6.76 13.86 -34.15
N SER B 539 -6.68 13.26 -35.34
CA SER B 539 -6.41 11.84 -35.40
C SER B 539 -4.96 11.55 -35.01
N LEU B 540 -4.72 10.31 -34.57
CA LEU B 540 -3.36 9.92 -34.21
C LEU B 540 -2.41 10.06 -35.39
N HIS B 541 -2.87 9.68 -36.59
CA HIS B 541 -2.04 9.82 -37.78
C HIS B 541 -1.65 11.27 -38.02
N GLU B 542 -2.59 12.20 -37.82
CA GLU B 542 -2.28 13.61 -37.99
C GLU B 542 -1.21 14.07 -37.01
N PHE B 543 -1.32 13.65 -35.75
CA PHE B 543 -0.32 14.05 -34.76
C PHE B 543 1.01 13.37 -35.02
N LEU B 544 0.99 12.10 -35.42
CA LEU B 544 2.24 11.39 -35.69
C LEU B 544 3.01 12.01 -36.85
N ARG B 545 2.29 12.52 -37.85
CA ARG B 545 2.96 13.17 -38.97
C ARG B 545 3.72 14.41 -38.50
N GLN B 546 3.06 15.26 -37.70
CA GLN B 546 3.76 16.44 -37.21
C GLN B 546 4.84 16.06 -36.19
N GLN B 547 4.61 14.99 -35.42
CA GLN B 547 5.58 14.58 -34.41
C GLN B 547 6.85 14.04 -35.06
N HIS B 548 6.72 12.96 -35.83
CA HIS B 548 7.86 12.34 -36.51
C HIS B 548 8.28 13.07 -37.78
N GLY B 549 8.25 14.40 -37.76
CA GLY B 549 8.66 15.19 -38.92
C GLY B 549 7.71 15.08 -40.09
P PO4 C . -24.48 -1.94 29.24
O1 PO4 C . -23.80 -1.22 30.39
O2 PO4 C . -25.14 -3.20 29.76
O3 PO4 C . -25.53 -1.04 28.63
O4 PO4 C . -23.44 -2.29 28.21
P PO4 D . -4.39 24.78 9.33
O1 PO4 D . -3.34 25.81 9.69
O2 PO4 D . -3.93 23.41 9.78
O3 PO4 D . -5.69 25.12 10.02
O4 PO4 D . -4.61 24.78 7.83
P PO4 E . -14.30 1.59 25.36
O1 PO4 E . -13.74 1.60 26.77
O2 PO4 E . -14.26 0.18 24.82
O3 PO4 E . -15.72 2.08 25.38
O4 PO4 E . -13.45 2.49 24.48
N BTR F . 0.88 6.70 10.81
CA BTR F . 0.72 7.03 12.25
C BTR F . 1.06 8.56 12.45
O BTR F . 2.21 8.98 12.06
OXT BTR F . 0.20 9.36 12.98
CB BTR F . 1.68 6.17 13.16
CG BTR F . 1.58 6.45 14.66
CD1 BTR F . 0.73 5.78 15.56
NE1 BTR F . 0.90 6.29 16.85
CE2 BTR F . 1.85 7.31 16.83
CD2 BTR F . 2.30 7.43 15.47
CE3 BTR F . 3.27 8.42 15.20
CZ3 BTR F . 3.79 9.24 16.22
CH2 BTR F . 3.31 9.07 17.53
BR2 BTR F . 4.03 10.22 18.95
CZ2 BTR F . 2.35 8.12 17.87
P PO4 G . 24.65 -15.25 -24.43
O1 PO4 G . 23.80 -15.17 -23.19
O2 PO4 G . 25.24 -16.63 -24.54
O3 PO4 G . 23.77 -14.97 -25.64
O4 PO4 G . 25.75 -14.23 -24.37
P PO4 H . 14.55 -10.65 -22.73
O1 PO4 H . 14.57 -11.61 -21.56
O2 PO4 H . 13.99 -11.34 -23.94
O3 PO4 H . 13.68 -9.45 -22.38
O4 PO4 H . 15.96 -10.18 -23.02
P PO4 I . -0.67 -22.25 -7.18
O1 PO4 I . 0.35 -22.83 -6.23
O2 PO4 I . -1.95 -23.06 -7.10
O3 PO4 I . -0.97 -20.81 -6.80
O4 PO4 I . -0.14 -22.30 -8.59
N BTR J . -0.74 0.27 -12.68
CA BTR J . -0.69 -0.15 -14.10
C BTR J . -1.24 1.04 -15.00
O BTR J . -2.31 1.64 -14.62
OXT BTR J . -0.61 1.39 -16.06
CB BTR J . -1.56 -1.44 -14.37
CG BTR J . -1.51 -1.98 -15.79
CD1 BTR J . -0.62 -2.95 -16.27
NE1 BTR J . -0.85 -3.20 -17.64
CE2 BTR J . -1.89 -2.38 -18.09
CD2 BTR J . -2.31 -1.60 -16.96
CE3 BTR J . -3.37 -0.69 -17.18
CZ3 BTR J . -3.97 -0.54 -18.44
CH2 BTR J . -3.51 -1.33 -19.50
BR2 BTR J . -4.35 -1.14 -21.27
CZ2 BTR J . -2.47 -2.27 -19.37
#